data_7FC5
#
_entry.id   7FC5
#
_cell.length_a   196.173
_cell.length_b   196.173
_cell.length_c   144.360
_cell.angle_alpha   90.000
_cell.angle_beta   90.000
_cell.angle_gamma   90.000
#
_symmetry.space_group_name_H-M   'I 41 2 2'
#
loop_
_entity.id
_entity.type
_entity.pdbx_description
1 polymer 'Spike protein S1'
2 polymer 'Angiotensin-converting enzyme'
3 non-polymer 2-acetamido-2-deoxy-beta-D-glucopyranose
#
loop_
_entity_poly.entity_id
_entity_poly.type
_entity_poly.pdbx_seq_one_letter_code
_entity_poly.pdbx_strand_id
1 'polypeptide(L)'
;TNLCPFGEVFNATRFASVYAWNRKRISNCVADYSVLYNSASFSTFKCYGVSPTKLNDLCFTNVYADSFVIRGDEVRQIAP
GQTGKIADYNYKLPDDFTGCVIAWNSNNLDSKVGGNYNYLYRLFRKSNLKPFERDISTEIYQAGSTPCNGVEGFNCYFPL
QSYGFQPTNGVGYQPYRVVVLSFELLHAPATVCGPKK
;
E
2 'polypeptide(L)'
;STTEDLAKTFLEKFNSEAEELSHQSSLASWSYNTNITDENVQKMNEAGARWSAFYEEQCKLAKTYPLEEIQNLTVKRQLQ
ALQQSGSSVLSADKSKRLNEILNTMSTIYSTGKVCNPSNPQECLLLEPGLDAIMENSKDYNQRLWAWEGWRSEVGKQLRP
LYEEYVVLKNEMARANNYEDYGDYWRGDYEAEGPSGYDYSRDQLIEDVERTFAEIKPLYEHLHAYVRAKLMDTYPSHINP
TGCLPAHLLGDMWGRFWTNLYSLTVPFGQKPNIDVTDAMVDQSWDAKRIFEEAEKFFVSVGLPNMTQGFWENSMLTEPGD
GRKVVCHPTAWDLGKGDFRIKMCTKVTMDDFLTAHHEMGHIQYDMAYAVQPYLLRNGANEGFHEAVGEIMSLSAATPNHL
KAIGLLPPDFYEDSETEINFLLKQALTIVGTLPFTYMLEKWRWMVFKGEIPKEEWMKKWWEMKREIVGVVEPVPHDETYC
DPAALFHVANDYSFIRYYTRTIYQFQFQEALCQTAKHEGPLHKCDISNSTEAGQKLLQMLSLGKSEPWTLALERIVGVKN
MDVRPLLNYFEPLFTWLKDQNKNSFVGWSTNWSPYAD
;
A
#
loop_
_chem_comp.id
_chem_comp.type
_chem_comp.name
_chem_comp.formula
NAG D-saccharide, beta linking 2-acetamido-2-deoxy-beta-D-glucopyranose 'C8 H15 N O6'
#
# COMPACT_ATOMS: atom_id res chain seq x y z
N ASN A 2 18.75 45.18 33.78
CA ASN A 2 18.40 45.70 32.47
C ASN A 2 18.82 44.77 31.31
N LEU A 3 18.74 43.46 31.52
CA LEU A 3 19.01 42.51 30.47
C LEU A 3 17.89 42.53 29.42
N CYS A 4 18.21 42.02 28.22
CA CYS A 4 17.19 41.83 27.20
C CYS A 4 16.43 40.55 27.50
N PRO A 5 15.06 40.59 27.55
CA PRO A 5 14.25 39.41 27.98
C PRO A 5 14.05 38.40 26.86
N PHE A 6 15.10 37.64 26.57
CA PHE A 6 14.95 36.56 25.60
C PHE A 6 14.30 35.34 26.23
N GLY A 7 14.37 35.17 27.52
CA GLY A 7 13.75 33.95 28.07
C GLY A 7 12.27 34.11 28.11
N GLU A 8 11.80 35.25 27.69
CA GLU A 8 10.34 35.51 27.75
C GLU A 8 9.84 35.12 26.38
N VAL A 9 10.74 35.11 25.41
CA VAL A 9 10.37 34.70 24.04
C VAL A 9 10.66 33.22 23.89
N PHE A 10 11.89 32.78 24.09
CA PHE A 10 12.22 31.37 23.82
C PHE A 10 11.65 30.47 24.89
N ASN A 11 11.67 30.90 26.13
CA ASN A 11 11.23 29.99 27.21
C ASN A 11 9.79 30.35 27.59
N ALA A 12 9.00 30.80 26.64
CA ALA A 12 7.57 31.07 26.91
C ALA A 12 6.80 29.77 27.06
N THR A 13 5.81 29.76 27.93
CA THR A 13 5.00 28.53 28.19
C THR A 13 4.03 28.31 27.06
N ARG A 14 3.48 29.39 26.51
CA ARG A 14 2.50 29.29 25.43
C ARG A 14 3.05 29.98 24.19
N PHE A 15 2.89 29.35 23.04
CA PHE A 15 3.30 29.93 21.77
C PHE A 15 2.05 30.23 20.93
N ALA A 16 2.23 30.94 19.81
CA ALA A 16 1.17 31.46 18.98
C ALA A 16 0.95 30.61 17.71
N SER A 17 -0.20 30.81 17.07
CA SER A 17 -0.39 30.23 15.76
C SER A 17 0.29 31.11 14.72
N VAL A 18 0.67 30.50 13.62
CA VAL A 18 1.50 31.23 12.68
C VAL A 18 0.74 32.39 12.01
N TYR A 19 -0.59 32.29 11.84
CA TYR A 19 -1.29 33.39 11.16
C TYR A 19 -1.40 34.59 12.07
N ALA A 20 -1.44 34.33 13.38
CA ALA A 20 -1.40 35.34 14.44
C ALA A 20 -0.05 35.26 15.15
N TRP A 21 1.02 35.47 14.36
CA TRP A 21 2.35 35.44 14.93
C TRP A 21 2.53 36.62 15.89
N ASN A 22 3.24 36.33 16.98
CA ASN A 22 3.44 37.27 18.06
C ASN A 22 4.75 38.03 17.84
N ARG A 23 4.72 39.31 18.13
CA ARG A 23 5.91 40.14 18.00
C ARG A 23 6.18 40.77 19.35
N LYS A 24 7.46 40.74 19.75
CA LYS A 24 7.92 41.40 21.00
C LYS A 24 9.04 42.36 20.61
N ARG A 25 9.04 43.55 21.20
CA ARG A 25 10.15 44.52 20.96
C ARG A 25 11.24 44.34 22.00
N ILE A 26 12.45 44.15 21.51
CA ILE A 26 13.62 44.12 22.42
C ILE A 26 14.26 45.47 22.14
N SER A 27 14.14 46.39 23.08
CA SER A 27 14.69 47.75 22.89
C SER A 27 15.28 48.25 24.20
N ASN A 28 16.19 49.21 24.12
CA ASN A 28 16.86 49.79 25.31
C ASN A 28 17.20 48.70 26.33
N CYS A 29 18.18 47.86 26.02
CA CYS A 29 18.55 46.74 26.93
C CYS A 29 19.91 46.16 26.53
N VAL A 30 20.51 45.40 27.45
CA VAL A 30 21.79 44.74 27.21
C VAL A 30 21.52 43.28 26.85
N ALA A 31 22.16 42.84 25.76
CA ALA A 31 21.84 41.50 25.20
C ALA A 31 22.78 40.34 25.53
N ASP A 32 22.24 39.25 26.08
CA ASP A 32 23.05 38.02 26.32
C ASP A 32 22.80 37.03 25.18
N TYR A 33 23.55 37.17 24.09
CA TYR A 33 23.41 36.27 22.93
C TYR A 33 23.96 34.88 23.27
N SER A 34 24.74 34.78 24.35
CA SER A 34 25.34 33.49 24.67
C SER A 34 24.26 32.41 24.89
N VAL A 35 23.16 32.75 25.56
CA VAL A 35 22.09 31.77 25.80
C VAL A 35 21.65 31.13 24.50
N LEU A 36 21.46 31.96 23.47
CA LEU A 36 20.99 31.46 22.19
C LEU A 36 21.98 30.49 21.57
N TYR A 37 23.17 30.97 21.25
CA TYR A 37 24.19 30.12 20.56
C TYR A 37 24.59 28.91 21.38
N ASN A 38 24.61 29.01 22.69
CA ASN A 38 25.08 27.86 23.51
C ASN A 38 24.07 26.73 23.37
N SER A 39 22.83 26.97 23.80
CA SER A 39 21.77 25.92 23.79
C SER A 39 21.83 25.05 22.53
N ALA A 40 21.90 23.73 22.73
CA ALA A 40 21.93 22.78 21.60
C ALA A 40 20.53 22.19 21.37
N SER A 41 19.52 22.71 22.05
CA SER A 41 18.18 22.24 21.77
C SER A 41 17.74 22.65 20.37
N PHE A 42 18.30 23.74 19.85
CA PHE A 42 17.83 24.33 18.62
C PHE A 42 18.22 23.47 17.44
N SER A 43 17.22 22.98 16.70
CA SER A 43 17.46 22.17 15.51
C SER A 43 17.60 22.99 14.24
N THR A 44 17.24 24.27 14.35
CA THR A 44 17.43 25.22 13.23
C THR A 44 17.99 26.52 13.83
N PHE A 45 19.11 27.01 13.30
CA PHE A 45 19.73 28.28 13.74
C PHE A 45 20.47 28.85 12.55
N LYS A 46 19.75 29.56 11.68
CA LYS A 46 20.38 30.16 10.49
C LYS A 46 20.27 31.68 10.51
N CYS A 47 21.36 32.34 10.22
CA CYS A 47 21.36 33.81 10.24
C CYS A 47 21.62 34.31 8.83
N TYR A 48 20.99 35.41 8.48
CA TYR A 48 21.14 36.02 7.14
C TYR A 48 21.43 37.48 7.44
N GLY A 49 22.56 38.01 7.00
CA GLY A 49 22.91 39.42 7.22
C GLY A 49 23.64 39.65 8.52
N VAL A 50 23.47 38.79 9.51
CA VAL A 50 24.07 39.04 10.83
C VAL A 50 25.10 37.96 11.15
N SER A 51 26.30 38.36 11.57
CA SER A 51 27.32 37.37 12.01
C SER A 51 27.06 37.11 13.48
N PRO A 52 26.63 35.91 13.88
CA PRO A 52 26.24 35.65 15.25
C PRO A 52 27.22 36.14 16.32
N THR A 53 28.52 36.11 16.04
CA THR A 53 29.51 36.49 17.08
C THR A 53 29.62 38.01 17.16
N LYS A 54 29.72 38.66 16.03
CA LYS A 54 29.89 40.14 16.01
C LYS A 54 28.70 40.84 16.66
N LEU A 55 27.66 40.11 17.04
CA LEU A 55 26.48 40.82 17.59
C LEU A 55 26.85 41.40 18.95
N ASN A 56 27.76 40.74 19.68
CA ASN A 56 28.13 41.21 21.04
C ASN A 56 28.78 42.58 20.89
N ASP A 57 29.45 42.80 19.77
CA ASP A 57 30.17 44.06 19.57
C ASP A 57 29.24 45.20 19.20
N LEU A 58 28.05 44.88 18.69
CA LEU A 58 27.20 45.80 17.95
C LEU A 58 25.97 46.21 18.74
N CYS A 59 25.25 47.15 18.15
CA CYS A 59 24.05 47.70 18.75
C CYS A 59 23.01 47.93 17.66
N PHE A 60 21.76 47.75 17.96
CA PHE A 60 20.79 47.88 16.87
C PHE A 60 19.68 48.67 17.51
N THR A 61 18.95 49.43 16.74
CA THR A 61 17.93 50.18 17.43
C THR A 61 16.95 49.21 18.02
N ASN A 62 16.42 48.34 17.16
CA ASN A 62 15.37 47.45 17.65
C ASN A 62 15.70 46.01 17.39
N VAL A 63 15.21 45.13 18.25
CA VAL A 63 15.28 43.70 17.92
C VAL A 63 13.85 43.22 18.11
N TYR A 64 13.22 42.73 17.06
CA TYR A 64 11.88 42.15 17.10
C TYR A 64 11.99 40.62 17.23
N ALA A 65 11.22 40.05 18.17
CA ALA A 65 11.18 38.62 18.41
C ALA A 65 9.78 38.08 18.06
N ASP A 66 9.63 37.59 16.83
CA ASP A 66 8.41 37.01 16.30
C ASP A 66 8.41 35.50 16.58
N SER A 67 7.37 35.01 17.26
CA SER A 67 7.25 33.60 17.66
C SER A 67 5.98 32.98 17.09
N PHE A 68 6.09 31.72 16.65
CA PHE A 68 4.93 30.99 16.17
C PHE A 68 5.25 29.49 16.21
N VAL A 69 4.22 28.70 15.93
CA VAL A 69 4.32 27.24 15.81
C VAL A 69 3.85 26.82 14.42
N ILE A 70 4.70 26.08 13.72
CA ILE A 70 4.41 25.47 12.44
C ILE A 70 4.88 24.03 12.53
N ARG A 71 4.74 23.31 11.42
CA ARG A 71 5.23 21.93 11.41
C ARG A 71 6.58 21.83 10.69
N GLY A 72 7.30 20.75 11.05
CA GLY A 72 8.73 20.63 10.73
C GLY A 72 9.05 20.80 9.27
N ASP A 73 8.22 20.25 8.39
CA ASP A 73 8.50 20.36 6.96
C ASP A 73 8.20 21.76 6.43
N GLU A 74 7.81 22.70 7.30
CA GLU A 74 7.49 24.06 6.91
C GLU A 74 8.55 25.04 7.37
N VAL A 75 9.33 24.65 8.39
CA VAL A 75 10.42 25.47 8.92
C VAL A 75 11.31 26.00 7.79
N ARG A 76 11.54 25.21 6.73
CA ARG A 76 12.31 25.72 5.60
C ARG A 76 11.68 26.94 4.95
N GLN A 77 10.36 27.13 5.11
CA GLN A 77 9.71 28.27 4.45
C GLN A 77 10.03 29.60 5.11
N ILE A 78 10.48 29.58 6.36
CA ILE A 78 10.79 30.81 7.09
C ILE A 78 12.20 31.26 6.71
N ALA A 79 12.36 31.78 5.50
CA ALA A 79 13.67 32.19 5.00
C ALA A 79 13.46 33.06 3.79
N PRO A 80 14.42 33.92 3.46
CA PRO A 80 14.23 34.81 2.31
C PRO A 80 14.02 34.01 1.03
N GLY A 81 13.16 34.56 0.17
CA GLY A 81 12.90 34.01 -1.14
C GLY A 81 12.03 32.76 -1.19
N GLN A 82 11.53 32.29 -0.06
CA GLN A 82 10.81 31.03 -0.03
C GLN A 82 9.32 31.22 -0.36
N THR A 83 8.74 30.17 -0.94
CA THR A 83 7.33 30.14 -1.29
C THR A 83 6.65 29.02 -0.51
N GLY A 84 5.33 29.03 -0.50
CA GLY A 84 4.59 28.07 0.28
C GLY A 84 3.40 28.72 0.94
N LYS A 85 2.56 27.86 1.55
CA LYS A 85 1.44 28.37 2.31
C LYS A 85 1.93 29.29 3.42
N ILE A 86 2.89 28.82 4.21
CA ILE A 86 3.36 29.61 5.35
C ILE A 86 3.97 30.91 4.88
N ALA A 87 4.94 30.86 3.96
CA ALA A 87 5.53 32.09 3.46
C ALA A 87 4.51 32.98 2.77
N ASP A 88 3.53 32.40 2.06
CA ASP A 88 2.70 33.26 1.23
C ASP A 88 1.54 33.83 2.03
N TYR A 89 1.02 33.05 2.98
CA TYR A 89 -0.26 33.35 3.62
C TYR A 89 -0.15 33.49 5.13
N ASN A 90 1.02 33.26 5.71
CA ASN A 90 1.11 33.28 7.17
C ASN A 90 2.23 34.18 7.65
N TYR A 91 3.48 33.97 7.22
CA TYR A 91 4.59 34.78 7.72
C TYR A 91 5.68 34.93 6.69
N LYS A 92 5.85 36.15 6.19
CA LYS A 92 6.81 36.42 5.13
C LYS A 92 8.06 37.09 5.66
N LEU A 93 9.29 36.62 5.22
CA LEU A 93 10.52 37.36 5.41
C LEU A 93 10.96 38.03 4.12
N PRO A 94 11.40 39.29 4.22
CA PRO A 94 11.86 40.00 3.02
C PRO A 94 13.11 39.35 2.44
N ASP A 95 13.34 39.65 1.17
CA ASP A 95 14.52 39.11 0.51
C ASP A 95 15.81 39.75 1.00
N ASP A 96 15.73 40.99 1.51
CA ASP A 96 16.84 41.68 2.17
C ASP A 96 16.81 41.49 3.68
N PHE A 97 16.31 40.36 4.14
CA PHE A 97 16.20 40.12 5.57
C PHE A 97 17.57 39.95 6.21
N THR A 98 17.73 40.66 7.33
CA THR A 98 18.92 40.64 8.18
C THR A 98 18.52 40.20 9.57
N GLY A 99 18.89 38.97 9.94
CA GLY A 99 18.53 38.48 11.24
C GLY A 99 18.75 36.98 11.25
N CYS A 100 18.14 36.34 12.24
CA CYS A 100 18.34 34.91 12.49
C CYS A 100 17.01 34.22 12.72
N VAL A 101 16.98 32.96 12.31
CA VAL A 101 15.80 32.12 12.41
C VAL A 101 16.16 30.89 13.24
N ILE A 102 15.40 30.65 14.29
CA ILE A 102 15.69 29.61 15.26
C ILE A 102 14.45 28.77 15.45
N ALA A 103 14.61 27.45 15.43
CA ALA A 103 13.47 26.56 15.60
C ALA A 103 13.88 25.32 16.41
N TRP A 104 12.88 24.64 16.94
CA TRP A 104 13.13 23.45 17.74
C TRP A 104 11.87 22.60 17.80
N ASN A 105 12.07 21.33 18.10
CA ASN A 105 10.95 20.39 18.13
C ASN A 105 10.11 20.58 19.39
N SER A 106 8.79 20.70 19.23
CA SER A 106 7.86 20.96 20.32
C SER A 106 6.96 19.77 20.66
N ASN A 107 7.26 18.58 20.15
CA ASN A 107 6.34 17.47 20.28
C ASN A 107 6.07 17.11 21.73
N ASN A 108 7.06 17.32 22.61
CA ASN A 108 6.85 17.06 24.02
C ASN A 108 5.78 17.96 24.62
N LEU A 109 5.67 19.22 24.16
CA LEU A 109 4.72 20.18 24.73
C LEU A 109 3.42 20.39 23.92
N ASP A 110 3.52 20.49 22.59
CA ASP A 110 2.47 21.04 21.73
C ASP A 110 1.65 19.95 21.08
N SER A 111 1.93 18.69 21.43
CA SER A 111 1.24 17.51 20.91
CA SER A 111 1.20 17.55 20.92
C SER A 111 0.53 16.79 22.03
N LYS A 112 -0.54 16.09 21.66
CA LYS A 112 -1.52 15.57 22.63
C LYS A 112 -2.11 14.28 22.07
N VAL A 113 -2.35 13.29 22.92
CA VAL A 113 -3.00 12.08 22.44
C VAL A 113 -4.42 12.43 21.99
N GLY A 114 -4.75 12.10 20.75
CA GLY A 114 -5.98 12.52 20.14
C GLY A 114 -5.85 13.81 19.36
N GLY A 115 -4.75 14.53 19.57
CA GLY A 115 -4.36 15.68 18.76
C GLY A 115 -4.59 16.99 19.48
N ASN A 116 -3.76 17.97 19.14
CA ASN A 116 -3.94 19.33 19.62
C ASN A 116 -4.22 20.22 18.42
N TYR A 117 -5.49 20.59 18.23
CA TYR A 117 -5.89 21.36 17.08
C TYR A 117 -6.00 22.84 17.39
N ASN A 118 -5.24 23.33 18.39
CA ASN A 118 -5.40 24.71 18.79
C ASN A 118 -4.53 25.62 17.95
N TYR A 119 -3.42 25.10 17.40
CA TYR A 119 -2.59 25.87 16.50
C TYR A 119 -3.12 25.78 15.07
N LEU A 120 -3.29 26.95 14.43
CA LEU A 120 -3.94 27.07 13.14
C LEU A 120 -3.00 27.72 12.13
N TYR A 121 -3.42 27.73 10.87
CA TYR A 121 -2.70 28.34 9.76
C TYR A 121 -3.71 28.77 8.71
N ARG A 122 -3.34 29.75 7.88
CA ARG A 122 -4.23 30.24 6.84
C ARG A 122 -4.03 29.42 5.57
N LEU A 123 -5.09 28.71 5.15
CA LEU A 123 -5.01 27.88 3.96
C LEU A 123 -5.20 28.69 2.67
N PHE A 124 -6.08 29.69 2.65
CA PHE A 124 -6.28 30.46 1.43
C PHE A 124 -6.24 31.95 1.73
N ARG A 125 -5.88 32.72 0.70
CA ARG A 125 -5.77 34.16 0.80
C ARG A 125 -5.72 34.69 -0.63
N LYS A 126 -6.31 35.88 -0.84
CA LYS A 126 -6.39 36.42 -2.19
C LYS A 126 -5.04 36.90 -2.69
N SER A 127 -4.20 37.42 -1.81
CA SER A 127 -2.86 37.87 -2.18
C SER A 127 -1.86 37.35 -1.17
N ASN A 128 -0.61 37.26 -1.62
CA ASN A 128 0.48 36.91 -0.71
C ASN A 128 0.79 38.04 0.26
N LEU A 129 1.04 37.66 1.51
CA LEU A 129 1.44 38.59 2.57
C LEU A 129 2.67 39.39 2.16
N LYS A 130 2.60 40.63 2.60
CA LYS A 130 3.73 41.52 2.39
C LYS A 130 4.73 41.16 3.48
N PRO A 131 6.05 41.41 3.34
CA PRO A 131 7.04 41.09 4.39
C PRO A 131 6.63 41.62 5.74
N PHE A 132 6.51 40.70 6.69
CA PHE A 132 6.10 41.03 8.06
C PHE A 132 4.65 41.50 8.10
N GLU A 133 3.80 40.94 7.24
CA GLU A 133 2.38 41.22 7.35
C GLU A 133 1.73 40.13 8.20
N ARG A 134 0.52 40.45 8.68
CA ARG A 134 -0.22 39.60 9.59
C ARG A 134 -1.67 39.73 9.19
N ASP A 135 -2.35 38.58 9.05
CA ASP A 135 -3.74 38.55 8.64
C ASP A 135 -4.48 37.69 9.64
N ILE A 136 -5.32 38.34 10.45
CA ILE A 136 -6.16 37.68 11.43
C ILE A 136 -7.64 37.70 11.03
N SER A 137 -7.93 37.84 9.74
CA SER A 137 -9.32 37.95 9.33
CA SER A 137 -9.32 37.95 9.33
C SER A 137 -9.90 36.57 9.22
N THR A 138 -11.21 36.45 9.47
CA THR A 138 -11.93 35.19 9.36
C THR A 138 -12.88 35.17 8.17
N GLU A 139 -12.72 36.09 7.24
CA GLU A 139 -13.68 36.25 6.15
C GLU A 139 -13.64 35.04 5.21
N ILE A 140 -14.84 34.63 4.77
CA ILE A 140 -14.96 33.40 3.98
C ILE A 140 -14.28 33.60 2.63
N TYR A 141 -13.42 32.65 2.27
CA TYR A 141 -12.62 32.77 1.06
C TYR A 141 -13.47 32.50 -0.18
N GLN A 142 -13.72 33.53 -0.98
CA GLN A 142 -14.52 33.36 -2.18
C GLN A 142 -13.61 33.01 -3.35
N ALA A 143 -13.55 31.72 -3.69
CA ALA A 143 -12.69 31.26 -4.78
C ALA A 143 -13.34 31.44 -6.15
N GLY A 144 -14.66 31.27 -6.24
CA GLY A 144 -15.37 31.45 -7.49
C GLY A 144 -16.01 32.81 -7.60
N SER A 145 -16.79 32.99 -8.66
CA SER A 145 -17.45 34.27 -8.90
C SER A 145 -18.71 34.45 -8.04
N THR A 146 -19.17 33.39 -7.42
CA THR A 146 -20.39 33.38 -6.62
C THR A 146 -20.13 33.92 -5.23
N PRO A 147 -20.90 34.90 -4.77
CA PRO A 147 -20.61 35.45 -3.43
C PRO A 147 -20.95 34.43 -2.34
N CYS A 148 -20.17 34.46 -1.26
CA CYS A 148 -20.27 33.41 -0.25
C CYS A 148 -21.33 33.74 0.79
N ASN A 149 -21.56 35.03 1.01
CA ASN A 149 -22.50 35.61 1.94
C ASN A 149 -22.19 35.23 3.37
N GLY A 150 -20.92 34.93 3.70
CA GLY A 150 -20.54 34.64 5.07
C GLY A 150 -20.92 33.26 5.57
N VAL A 151 -21.62 32.46 4.77
CA VAL A 151 -22.08 31.19 5.29
C VAL A 151 -21.00 30.12 5.13
N GLU A 152 -20.25 30.19 4.03
CA GLU A 152 -19.33 29.17 3.50
C GLU A 152 -20.11 28.12 2.70
N GLY A 153 -19.56 27.71 1.55
CA GLY A 153 -20.22 26.70 0.74
C GLY A 153 -19.40 26.27 -0.47
N PHE A 154 -20.08 26.18 -1.60
CA PHE A 154 -19.47 25.72 -2.84
C PHE A 154 -18.54 26.81 -3.38
N ASN A 155 -17.24 26.50 -3.47
CA ASN A 155 -16.19 27.45 -3.85
C ASN A 155 -16.06 28.59 -2.84
N CYS A 156 -16.37 28.33 -1.57
CA CYS A 156 -16.45 29.34 -0.52
C CYS A 156 -15.98 28.69 0.77
N TYR A 157 -14.74 28.98 1.19
CA TYR A 157 -14.12 28.24 2.28
C TYR A 157 -13.67 29.20 3.39
N PHE A 158 -13.89 28.74 4.64
CA PHE A 158 -13.23 29.35 5.80
C PHE A 158 -11.73 29.31 5.57
N PRO A 159 -11.02 30.43 5.74
CA PRO A 159 -9.63 30.52 5.26
C PRO A 159 -8.58 29.97 6.21
N LEU A 160 -8.94 29.58 7.44
CA LEU A 160 -7.99 29.09 8.41
C LEU A 160 -8.30 27.63 8.71
N GLN A 161 -7.25 26.81 8.70
CA GLN A 161 -7.31 25.38 8.97
C GLN A 161 -6.43 25.09 10.17
N SER A 162 -6.73 24.01 10.88
CA SER A 162 -5.99 23.65 12.09
C SER A 162 -4.95 22.58 11.80
N TYR A 163 -3.70 22.82 12.23
CA TYR A 163 -2.74 21.74 12.41
C TYR A 163 -3.27 20.75 13.43
N GLY A 164 -2.95 19.49 13.20
CA GLY A 164 -3.21 18.44 14.17
C GLY A 164 -1.89 17.81 14.57
N PHE A 165 -1.61 17.88 15.87
CA PHE A 165 -0.35 17.40 16.43
C PHE A 165 -0.63 16.29 17.40
N GLN A 166 -0.33 15.07 16.98
CA GLN A 166 -0.35 13.86 17.74
C GLN A 166 1.08 13.39 17.96
N PRO A 167 1.42 12.94 19.17
CA PRO A 167 2.83 12.60 19.44
C PRO A 167 3.38 11.54 18.50
N THR A 168 2.53 10.77 17.78
CA THR A 168 3.04 9.68 16.95
C THR A 168 3.33 10.13 15.53
N ASN A 169 3.08 11.39 15.22
CA ASN A 169 3.35 11.89 13.89
C ASN A 169 4.85 11.87 13.60
N GLY A 170 5.17 11.90 12.29
CA GLY A 170 6.54 12.05 11.84
C GLY A 170 7.07 13.47 11.99
N VAL A 171 8.40 13.57 11.99
CA VAL A 171 9.10 14.83 12.29
C VAL A 171 8.64 15.95 11.36
N GLY A 172 8.38 15.62 10.08
CA GLY A 172 7.92 16.64 9.16
C GLY A 172 6.49 17.07 9.39
N TYR A 173 5.73 16.27 10.14
CA TYR A 173 4.38 16.61 10.52
C TYR A 173 4.30 17.02 11.99
N GLN A 174 5.51 17.22 12.68
CA GLN A 174 5.53 17.50 14.11
C GLN A 174 5.63 19.00 14.39
N PRO A 175 5.18 19.41 15.59
CA PRO A 175 5.18 20.83 15.93
C PRO A 175 6.58 21.37 16.14
N TYR A 176 6.84 22.55 15.57
CA TYR A 176 8.13 23.23 15.72
C TYR A 176 7.86 24.67 16.15
N ARG A 177 8.29 25.01 17.38
CA ARG A 177 8.34 26.38 17.87
C ARG A 177 9.50 27.11 17.20
N VAL A 178 9.20 28.31 16.69
CA VAL A 178 10.12 29.10 15.88
C VAL A 178 10.24 30.49 16.49
N VAL A 179 11.43 31.08 16.38
CA VAL A 179 11.69 32.46 16.77
C VAL A 179 12.47 33.13 15.66
N VAL A 180 11.97 34.25 15.18
CA VAL A 180 12.67 35.06 14.20
C VAL A 180 13.13 36.37 14.84
N LEU A 181 14.44 36.56 14.92
CA LEU A 181 15.04 37.76 15.48
C LEU A 181 15.44 38.68 14.34
N SER A 182 14.81 39.86 14.26
CA SER A 182 15.11 40.87 13.27
C SER A 182 15.97 41.96 13.88
N PHE A 183 17.11 42.25 13.26
CA PHE A 183 18.08 43.23 13.74
C PHE A 183 18.08 44.44 12.82
N GLU A 184 17.82 45.62 13.39
CA GLU A 184 17.62 46.87 12.64
C GLU A 184 18.73 47.83 13.03
N LEU A 185 19.59 48.18 12.08
CA LEU A 185 20.81 48.93 12.39
C LEU A 185 20.82 50.34 11.84
N LEU A 186 19.69 50.73 11.26
CA LEU A 186 19.65 52.04 10.56
C LEU A 186 18.42 52.86 10.89
N HIS A 187 18.52 54.18 10.72
CA HIS A 187 17.40 55.11 10.78
C HIS A 187 16.73 55.22 12.17
N ALA A 188 17.42 54.92 13.25
CA ALA A 188 16.89 55.16 14.59
C ALA A 188 18.05 55.06 15.56
N PRO A 189 17.90 55.60 16.77
CA PRO A 189 19.06 55.64 17.66
C PRO A 189 19.24 54.29 18.35
N ALA A 190 20.39 53.66 18.07
CA ALA A 190 20.73 52.35 18.59
C ALA A 190 20.57 52.29 20.11
N THR A 191 19.83 51.27 20.57
CA THR A 191 19.50 51.08 21.98
C THR A 191 19.74 49.67 22.51
N VAL A 192 19.88 48.67 21.65
CA VAL A 192 20.14 47.32 22.13
C VAL A 192 21.60 46.99 21.86
N CYS A 193 22.39 46.88 22.93
CA CYS A 193 23.83 46.68 22.82
C CYS A 193 24.20 45.33 23.41
N GLY A 194 25.26 44.76 22.85
CA GLY A 194 25.90 43.62 23.41
C GLY A 194 26.66 43.97 24.67
N PRO A 195 27.17 42.93 25.32
CA PRO A 195 27.97 43.14 26.55
C PRO A 195 29.25 43.92 26.31
N LYS A 196 29.91 43.68 25.18
CA LYS A 196 31.04 44.51 24.72
C LYS A 196 30.71 46.02 24.76
N SER B 1 -10.87 32.05 -11.09
CA SER B 1 -11.27 32.30 -12.47
C SER B 1 -11.57 30.99 -13.27
N THR B 2 -10.55 30.28 -13.74
CA THR B 2 -10.82 29.09 -14.53
C THR B 2 -11.31 27.96 -13.63
N THR B 3 -11.87 26.93 -14.25
CA THR B 3 -12.32 25.77 -13.48
C THR B 3 -11.12 25.04 -12.86
N GLU B 4 -10.00 24.99 -13.57
CA GLU B 4 -8.83 24.31 -13.02
C GLU B 4 -8.37 24.97 -11.74
N ASP B 5 -8.39 26.30 -11.70
CA ASP B 5 -8.02 27.00 -10.47
C ASP B 5 -8.96 26.64 -9.33
N LEU B 6 -10.28 26.72 -9.58
CA LEU B 6 -11.23 26.30 -8.55
C LEU B 6 -10.96 24.86 -8.09
N ALA B 7 -10.59 23.98 -9.02
CA ALA B 7 -10.31 22.60 -8.64
C ALA B 7 -9.09 22.50 -7.74
N LYS B 8 -7.99 23.16 -8.13
CA LYS B 8 -6.80 23.17 -7.28
C LYS B 8 -7.15 23.64 -5.87
N THR B 9 -7.88 24.74 -5.78
CA THR B 9 -8.31 25.20 -4.47
C THR B 9 -9.18 24.16 -3.78
N PHE B 10 -10.17 23.64 -4.49
CA PHE B 10 -10.94 22.54 -3.94
C PHE B 10 -10.03 21.45 -3.39
N LEU B 11 -9.11 20.94 -4.21
CA LEU B 11 -8.22 19.86 -3.78
C LEU B 11 -7.40 20.22 -2.55
N GLU B 12 -6.83 21.44 -2.51
CA GLU B 12 -6.05 21.84 -1.35
C GLU B 12 -6.88 21.77 -0.08
N LYS B 13 -8.14 22.18 -0.13
CA LYS B 13 -8.99 22.09 1.05
C LYS B 13 -9.26 20.63 1.42
N PHE B 14 -9.54 19.79 0.40
CA PHE B 14 -9.76 18.37 0.64
C PHE B 14 -8.57 17.77 1.38
N ASN B 15 -7.38 18.01 0.85
CA ASN B 15 -6.18 17.38 1.37
C ASN B 15 -5.98 17.70 2.84
N SER B 16 -6.19 18.95 3.23
CA SER B 16 -6.01 19.26 4.64
C SER B 16 -7.03 18.52 5.50
N GLU B 17 -8.30 18.44 5.06
CA GLU B 17 -9.30 17.82 5.92
C GLU B 17 -9.21 16.31 5.84
N ALA B 18 -8.80 15.78 4.69
CA ALA B 18 -8.79 14.34 4.50
C ALA B 18 -7.64 13.71 5.26
N GLU B 19 -6.47 14.35 5.17
CA GLU B 19 -5.27 13.79 5.81
C GLU B 19 -5.53 13.56 7.29
N GLU B 20 -6.20 14.48 7.97
CA GLU B 20 -6.42 14.33 9.40
C GLU B 20 -7.51 13.31 9.70
N LEU B 21 -8.55 13.26 8.88
CA LEU B 21 -9.64 12.32 9.11
C LEU B 21 -9.22 10.90 8.75
N SER B 22 -8.40 10.76 7.70
CA SER B 22 -7.84 9.46 7.39
C SER B 22 -6.91 9.02 8.51
N HIS B 23 -6.00 9.88 8.90
CA HIS B 23 -5.09 9.56 9.99
C HIS B 23 -5.84 9.11 11.24
N GLN B 24 -6.96 9.76 11.56
CA GLN B 24 -7.67 9.42 12.78
C GLN B 24 -8.32 8.05 12.67
N SER B 25 -8.79 7.72 11.47
CA SER B 25 -9.29 6.38 11.21
C SER B 25 -8.16 5.36 11.35
N SER B 26 -6.97 5.67 10.82
CA SER B 26 -5.84 4.74 10.94
C SER B 26 -5.51 4.50 12.40
N LEU B 27 -5.50 5.57 13.21
CA LEU B 27 -5.13 5.49 14.62
C LEU B 27 -6.11 4.65 15.42
N ALA B 28 -7.41 4.78 15.13
CA ALA B 28 -8.43 4.02 15.84
C ALA B 28 -8.44 2.58 15.38
N SER B 29 -8.15 2.39 14.10
CA SER B 29 -8.01 1.06 13.48
C SER B 29 -6.80 0.35 14.08
N TRP B 30 -5.74 1.09 14.36
CA TRP B 30 -4.56 0.52 14.99
C TRP B 30 -4.83 0.14 16.44
N SER B 31 -5.56 0.96 17.18
CA SER B 31 -5.76 0.61 18.57
C SER B 31 -6.68 -0.59 18.71
N TYR B 32 -7.63 -0.80 17.78
CA TYR B 32 -8.41 -2.04 17.84
C TYR B 32 -7.52 -3.24 17.51
N ASN B 33 -6.75 -3.15 16.42
CA ASN B 33 -5.91 -4.26 15.95
C ASN B 33 -4.79 -4.62 16.92
N THR B 34 -4.32 -3.67 17.74
CA THR B 34 -3.36 -4.01 18.78
C THR B 34 -3.97 -4.19 20.17
N ASN B 35 -5.26 -3.91 20.34
CA ASN B 35 -5.97 -4.01 21.65
C ASN B 35 -7.41 -4.32 21.32
N ILE B 36 -7.71 -5.58 21.08
CA ILE B 36 -9.02 -6.03 20.66
C ILE B 36 -9.99 -5.92 21.84
N THR B 37 -10.75 -4.82 21.86
CA THR B 37 -11.80 -4.57 22.85
C THR B 37 -13.02 -4.01 22.14
N ASP B 38 -14.17 -4.20 22.76
CA ASP B 38 -15.42 -3.68 22.19
C ASP B 38 -15.39 -2.17 22.09
N GLU B 39 -14.78 -1.49 23.09
CA GLU B 39 -14.65 -0.04 23.06
C GLU B 39 -13.90 0.43 21.81
N ASN B 40 -12.82 -0.26 21.45
CA ASN B 40 -12.04 0.19 20.30
C ASN B 40 -12.66 -0.29 18.99
N VAL B 41 -13.57 -1.27 19.05
CA VAL B 41 -14.37 -1.60 17.87
C VAL B 41 -15.26 -0.42 17.50
N GLN B 42 -16.01 0.09 18.49
CA GLN B 42 -16.84 1.26 18.24
C GLN B 42 -16.04 2.40 17.66
N LYS B 43 -14.88 2.71 18.25
CA LYS B 43 -14.15 3.90 17.84
C LYS B 43 -13.52 3.71 16.47
N MET B 44 -13.12 2.49 16.14
CA MET B 44 -12.65 2.20 14.79
C MET B 44 -13.79 2.35 13.80
N ASN B 45 -14.95 1.79 14.15
CA ASN B 45 -16.13 1.90 13.27
C ASN B 45 -16.53 3.36 13.10
N GLU B 46 -16.66 4.10 14.21
CA GLU B 46 -17.08 5.49 14.18
C GLU B 46 -16.12 6.37 13.42
N ALA B 47 -14.81 6.14 13.57
CA ALA B 47 -13.84 6.99 12.89
C ALA B 47 -13.82 6.71 11.38
N GLY B 48 -13.95 5.44 10.99
CA GLY B 48 -14.00 5.13 9.58
C GLY B 48 -15.28 5.60 8.93
N ALA B 49 -16.37 5.68 9.72
CA ALA B 49 -17.64 6.21 9.24
C ALA B 49 -17.55 7.69 8.90
N ARG B 50 -17.05 8.50 9.84
CA ARG B 50 -16.88 9.92 9.58
C ARG B 50 -16.03 10.16 8.34
N TRP B 51 -14.94 9.43 8.23
CA TRP B 51 -14.07 9.56 7.07
C TRP B 51 -14.78 9.11 5.80
N SER B 52 -15.52 8.00 5.88
CA SER B 52 -16.26 7.53 4.72
C SER B 52 -17.35 8.53 4.34
N ALA B 53 -18.03 9.14 5.32
CA ALA B 53 -19.02 10.16 4.98
C ALA B 53 -18.36 11.35 4.32
N PHE B 54 -17.17 11.74 4.82
CA PHE B 54 -16.46 12.86 4.22
C PHE B 54 -16.01 12.55 2.81
N TYR B 55 -15.50 11.34 2.58
CA TYR B 55 -14.96 11.00 1.26
C TYR B 55 -16.05 11.04 0.20
N GLU B 56 -17.24 10.61 0.56
CA GLU B 56 -18.37 10.58 -0.40
C GLU B 56 -18.80 12.00 -0.76
N GLU B 57 -19.01 12.82 0.26
CA GLU B 57 -19.33 14.22 -0.02
C GLU B 57 -18.33 14.84 -0.99
N GLN B 58 -17.05 14.58 -0.77
CA GLN B 58 -16.06 15.26 -1.59
C GLN B 58 -16.07 14.72 -3.01
N CYS B 59 -16.37 13.43 -3.18
CA CYS B 59 -16.46 12.84 -4.51
C CYS B 59 -17.53 13.52 -5.35
N LYS B 60 -18.70 13.73 -4.74
CA LYS B 60 -19.78 14.43 -5.43
C LYS B 60 -19.37 15.85 -5.76
N LEU B 61 -18.76 16.53 -4.80
CA LEU B 61 -18.29 17.88 -5.06
C LEU B 61 -17.24 17.89 -6.16
N ALA B 62 -16.42 16.85 -6.23
CA ALA B 62 -15.36 16.85 -7.23
C ALA B 62 -15.92 16.73 -8.64
N LYS B 63 -17.02 15.99 -8.81
CA LYS B 63 -17.66 15.86 -10.12
C LYS B 63 -18.06 17.20 -10.68
N THR B 64 -18.25 18.19 -9.82
CA THR B 64 -18.61 19.53 -10.21
C THR B 64 -17.52 20.25 -11.01
N TYR B 65 -16.31 19.75 -11.01
CA TYR B 65 -15.27 20.39 -11.81
C TYR B 65 -15.08 19.51 -13.03
N PRO B 66 -15.34 19.98 -14.25
CA PRO B 66 -15.30 19.05 -15.39
C PRO B 66 -13.86 18.75 -15.80
N LEU B 67 -13.56 17.44 -15.96
CA LEU B 67 -12.17 17.04 -16.22
C LEU B 67 -11.68 17.53 -17.58
N GLU B 68 -12.59 17.83 -18.49
CA GLU B 68 -12.23 18.26 -19.83
C GLU B 68 -11.45 19.57 -19.82
N GLU B 69 -11.74 20.44 -18.85
CA GLU B 69 -11.10 21.74 -18.75
C GLU B 69 -9.90 21.74 -17.83
N ILE B 70 -9.48 20.57 -17.35
CA ILE B 70 -8.33 20.44 -16.47
C ILE B 70 -7.13 20.07 -17.32
N GLN B 71 -6.20 21.01 -17.48
CA GLN B 71 -5.00 20.78 -18.27
C GLN B 71 -3.90 20.09 -17.49
N ASN B 72 -3.87 20.26 -16.17
CA ASN B 72 -2.83 19.63 -15.36
C ASN B 72 -3.18 18.17 -15.07
N LEU B 73 -2.33 17.26 -15.52
CA LEU B 73 -2.63 15.83 -15.40
C LEU B 73 -2.59 15.35 -13.95
N THR B 74 -1.78 16.02 -13.12
CA THR B 74 -1.68 15.63 -11.71
C THR B 74 -2.92 16.07 -10.95
N VAL B 75 -3.40 17.26 -11.25
CA VAL B 75 -4.70 17.68 -10.76
C VAL B 75 -5.79 16.77 -11.30
N LYS B 76 -5.76 16.51 -12.60
CA LYS B 76 -6.70 15.59 -13.23
C LYS B 76 -6.73 14.23 -12.53
N ARG B 77 -5.57 13.59 -12.34
CA ARG B 77 -5.53 12.30 -11.66
C ARG B 77 -6.22 12.35 -10.30
N GLN B 78 -6.00 13.41 -9.54
CA GLN B 78 -6.57 13.49 -8.17
C GLN B 78 -8.07 13.63 -8.25
N LEU B 79 -8.54 14.56 -9.07
CA LEU B 79 -9.98 14.66 -9.33
C LEU B 79 -10.54 13.35 -9.78
N GLN B 80 -9.99 12.73 -10.80
CA GLN B 80 -10.45 11.39 -11.25
C GLN B 80 -10.57 10.43 -10.08
N ALA B 81 -9.52 10.23 -9.29
CA ALA B 81 -9.58 9.27 -8.19
C ALA B 81 -10.71 9.60 -7.25
N LEU B 82 -10.94 10.88 -7.02
CA LEU B 82 -12.02 11.30 -6.14
C LEU B 82 -13.38 11.12 -6.82
N GLN B 83 -13.49 11.49 -8.11
CA GLN B 83 -14.81 11.66 -8.74
C GLN B 83 -15.58 10.35 -8.83
N GLN B 84 -14.85 9.24 -9.04
CA GLN B 84 -15.45 7.91 -9.07
C GLN B 84 -16.10 7.59 -7.72
N SER B 85 -17.43 7.41 -7.74
CA SER B 85 -18.25 7.19 -6.56
C SER B 85 -18.75 5.75 -6.47
N GLY B 86 -19.34 5.20 -7.53
CA GLY B 86 -19.69 3.78 -7.59
C GLY B 86 -21.17 3.45 -7.70
N SER B 87 -21.71 2.88 -6.62
CA SER B 87 -23.14 2.62 -6.50
C SER B 87 -23.97 3.88 -6.31
N SER B 88 -23.34 5.05 -6.14
CA SER B 88 -24.09 6.28 -5.94
C SER B 88 -25.02 6.58 -7.11
N VAL B 89 -24.67 6.11 -8.31
CA VAL B 89 -25.50 6.40 -9.48
C VAL B 89 -26.81 5.61 -9.42
N LEU B 90 -26.81 4.48 -8.70
CA LEU B 90 -27.98 3.64 -8.65
C LEU B 90 -29.02 4.22 -7.70
N SER B 91 -30.28 3.87 -7.95
CA SER B 91 -31.39 4.29 -7.10
C SER B 91 -31.24 3.66 -5.72
N ALA B 92 -31.71 4.39 -4.69
CA ALA B 92 -31.42 4.00 -3.31
C ALA B 92 -32.05 2.65 -2.95
N ASP B 93 -33.21 2.36 -3.51
CA ASP B 93 -33.81 1.05 -3.26
C ASP B 93 -32.95 -0.06 -3.82
N LYS B 94 -32.49 0.12 -5.07
CA LYS B 94 -31.50 -0.79 -5.64
C LYS B 94 -30.26 -0.89 -4.76
N SER B 95 -29.67 0.25 -4.40
CA SER B 95 -28.40 0.25 -3.67
C SER B 95 -28.49 -0.50 -2.36
N LYS B 96 -29.64 -0.44 -1.68
CA LYS B 96 -29.80 -1.18 -0.44
C LYS B 96 -29.84 -2.67 -0.71
N ARG B 97 -30.48 -3.09 -1.81
CA ARG B 97 -30.54 -4.49 -2.19
C ARG B 97 -29.14 -5.03 -2.53
N LEU B 98 -28.37 -4.26 -3.32
CA LEU B 98 -27.00 -4.65 -3.65
C LEU B 98 -26.17 -4.90 -2.40
N ASN B 99 -26.27 -4.01 -1.39
CA ASN B 99 -25.54 -4.24 -0.15
C ASN B 99 -26.19 -5.36 0.65
N GLU B 100 -27.48 -5.60 0.44
CA GLU B 100 -28.12 -6.75 1.07
C GLU B 100 -27.62 -8.05 0.49
N ILE B 101 -27.52 -8.10 -0.83
CA ILE B 101 -26.88 -9.24 -1.49
C ILE B 101 -25.44 -9.38 -1.00
N LEU B 102 -24.67 -8.29 -1.08
CA LEU B 102 -23.24 -8.36 -0.76
C LEU B 102 -23.02 -8.88 0.64
N ASN B 103 -23.76 -8.36 1.61
CA ASN B 103 -23.56 -8.76 2.99
C ASN B 103 -24.04 -10.20 3.22
N THR B 104 -25.05 -10.62 2.47
CA THR B 104 -25.54 -11.99 2.59
C THR B 104 -24.50 -12.98 2.05
N MET B 105 -23.95 -12.68 0.88
CA MET B 105 -22.95 -13.56 0.29
C MET B 105 -21.76 -13.69 1.20
N SER B 106 -21.33 -12.58 1.82
CA SER B 106 -20.16 -12.62 2.68
C SER B 106 -20.44 -13.41 3.96
N THR B 107 -21.62 -13.25 4.53
CA THR B 107 -21.94 -13.98 5.76
C THR B 107 -22.10 -15.47 5.47
N ILE B 108 -22.66 -15.82 4.30
CA ILE B 108 -22.78 -17.22 3.94
C ILE B 108 -21.41 -17.87 3.85
N TYR B 109 -20.45 -17.17 3.25
CA TYR B 109 -19.09 -17.69 3.15
C TYR B 109 -18.46 -17.86 4.53
N SER B 110 -18.71 -16.90 5.43
CA SER B 110 -18.03 -16.92 6.70
C SER B 110 -18.72 -17.87 7.69
N THR B 111 -20.04 -17.99 7.60
CA THR B 111 -20.78 -18.87 8.49
C THR B 111 -21.21 -20.17 7.84
N GLY B 112 -20.75 -20.42 6.62
CA GLY B 112 -21.03 -21.69 5.98
C GLY B 112 -20.27 -22.82 6.64
N LYS B 113 -20.93 -23.98 6.73
CA LYS B 113 -20.35 -25.15 7.40
C LYS B 113 -20.84 -26.39 6.66
N VAL B 114 -20.00 -27.43 6.57
CA VAL B 114 -20.39 -28.68 5.86
C VAL B 114 -20.27 -29.85 6.81
N CYS B 115 -21.15 -30.85 6.62
CA CYS B 115 -21.22 -32.00 7.55
C CYS B 115 -20.92 -33.31 6.82
N ASN B 116 -20.13 -34.18 7.45
CA ASN B 116 -19.74 -35.48 6.82
C ASN B 116 -20.92 -36.41 6.87
N PRO B 117 -21.32 -37.04 5.74
CA PRO B 117 -22.38 -38.04 5.77
C PRO B 117 -22.08 -38.98 6.93
N SER B 118 -20.81 -39.35 7.12
CA SER B 118 -20.40 -40.18 8.26
C SER B 118 -20.33 -39.28 9.49
N ASN B 119 -20.98 -39.64 10.59
CA ASN B 119 -21.07 -38.72 11.77
C ASN B 119 -21.83 -37.48 11.31
N PRO B 120 -23.18 -37.49 11.34
CA PRO B 120 -23.97 -36.38 10.81
C PRO B 120 -24.01 -35.25 11.84
N GLN B 121 -23.06 -35.25 12.76
CA GLN B 121 -23.05 -34.25 13.84
C GLN B 121 -21.67 -33.59 13.80
N GLU B 122 -20.71 -34.26 13.16
CA GLU B 122 -19.39 -33.58 13.01
C GLU B 122 -19.47 -32.68 11.80
N CYS B 123 -20.04 -31.48 11.96
CA CYS B 123 -20.04 -30.51 10.85
C CYS B 123 -18.81 -29.61 11.00
N LEU B 124 -18.15 -29.25 9.90
CA LEU B 124 -16.90 -28.44 9.96
C LEU B 124 -17.07 -27.16 9.13
N LEU B 125 -16.40 -26.07 9.53
CA LEU B 125 -16.37 -24.77 8.82
C LEU B 125 -15.14 -24.74 7.92
N LEU B 126 -15.03 -23.73 7.06
CA LEU B 126 -13.89 -23.65 6.13
C LEU B 126 -12.64 -23.41 6.95
N GLU B 127 -12.59 -22.27 7.60
CA GLU B 127 -11.47 -21.99 8.53
C GLU B 127 -12.01 -22.04 9.96
N PRO B 128 -11.51 -22.92 10.84
CA PRO B 128 -10.56 -23.94 10.44
C PRO B 128 -11.28 -25.20 9.93
N GLY B 129 -10.56 -26.17 9.40
CA GLY B 129 -11.17 -27.51 9.44
C GLY B 129 -11.35 -28.13 8.09
N LEU B 130 -12.34 -27.68 7.33
CA LEU B 130 -12.34 -28.03 5.90
C LEU B 130 -11.01 -27.62 5.29
N ASP B 131 -10.54 -26.41 5.59
CA ASP B 131 -9.30 -25.89 4.96
C ASP B 131 -8.14 -26.80 5.34
N ALA B 132 -8.15 -27.36 6.54
CA ALA B 132 -7.12 -28.32 6.93
C ALA B 132 -7.19 -29.53 6.01
N ILE B 133 -8.36 -30.15 5.91
CA ILE B 133 -8.53 -31.29 4.99
C ILE B 133 -7.93 -30.89 3.65
N MET B 134 -8.40 -29.78 3.09
CA MET B 134 -8.04 -29.51 1.71
C MET B 134 -6.56 -29.21 1.52
N GLU B 135 -5.82 -29.02 2.60
CA GLU B 135 -4.41 -28.73 2.51
C GLU B 135 -3.52 -29.86 2.99
N ASN B 136 -4.04 -30.75 3.83
CA ASN B 136 -3.20 -31.76 4.45
C ASN B 136 -3.60 -33.20 4.18
N SER B 137 -4.83 -33.44 3.72
CA SER B 137 -5.33 -34.79 3.59
C SER B 137 -4.79 -35.42 2.32
N LYS B 138 -4.62 -36.75 2.40
CA LYS B 138 -4.15 -37.52 1.22
C LYS B 138 -5.19 -38.59 0.94
N ASP B 139 -6.43 -38.40 1.39
CA ASP B 139 -7.49 -39.36 1.18
C ASP B 139 -8.48 -38.84 0.13
N TYR B 140 -8.57 -39.55 -1.00
CA TYR B 140 -9.42 -39.13 -2.12
C TYR B 140 -10.83 -38.80 -1.65
N ASN B 141 -11.46 -39.69 -0.89
CA ASN B 141 -12.87 -39.49 -0.56
C ASN B 141 -13.04 -38.41 0.50
N GLN B 142 -12.21 -38.41 1.55
CA GLN B 142 -12.27 -37.31 2.53
C GLN B 142 -12.25 -35.95 1.85
N ARG B 143 -11.30 -35.73 0.94
CA ARG B 143 -11.20 -34.44 0.26
C ARG B 143 -12.42 -34.19 -0.63
N LEU B 144 -13.00 -35.26 -1.18
CA LEU B 144 -14.17 -35.07 -2.04
C LEU B 144 -15.37 -34.58 -1.24
N TRP B 145 -15.64 -35.21 -0.09
CA TRP B 145 -16.71 -34.73 0.77
C TRP B 145 -16.59 -33.24 1.04
N ALA B 146 -15.36 -32.77 1.31
CA ALA B 146 -15.14 -31.36 1.59
C ALA B 146 -15.40 -30.49 0.36
N TRP B 147 -14.75 -30.82 -0.74
CA TRP B 147 -14.88 -30.03 -1.97
C TRP B 147 -16.34 -29.93 -2.42
N GLU B 148 -17.07 -31.07 -2.49
CA GLU B 148 -18.47 -31.04 -2.95
C GLU B 148 -19.38 -30.40 -1.92
N GLY B 149 -19.22 -30.77 -0.66
CA GLY B 149 -20.00 -30.15 0.40
C GLY B 149 -19.91 -28.64 0.40
N TRP B 150 -18.69 -28.10 0.32
CA TRP B 150 -18.53 -26.66 0.23
C TRP B 150 -19.31 -26.11 -0.95
N ARG B 151 -19.17 -26.72 -2.12
CA ARG B 151 -19.87 -26.19 -3.29
C ARG B 151 -21.36 -26.52 -3.27
N SER B 152 -21.78 -27.43 -2.39
CA SER B 152 -23.18 -27.82 -2.23
C SER B 152 -23.89 -26.96 -1.18
N GLU B 153 -23.46 -27.05 0.06
CA GLU B 153 -24.15 -26.31 1.13
C GLU B 153 -24.01 -24.80 0.92
N VAL B 154 -22.83 -24.33 0.54
CA VAL B 154 -22.59 -22.90 0.42
C VAL B 154 -22.79 -22.39 -1.01
N GLY B 155 -22.27 -23.12 -2.01
CA GLY B 155 -22.37 -22.65 -3.37
C GLY B 155 -23.80 -22.59 -3.89
N LYS B 156 -24.62 -23.59 -3.53
CA LYS B 156 -26.00 -23.60 -3.98
C LYS B 156 -26.77 -22.44 -3.39
N GLN B 157 -26.51 -22.11 -2.14
CA GLN B 157 -27.18 -20.97 -1.48
C GLN B 157 -26.83 -19.67 -2.20
N LEU B 158 -25.59 -19.51 -2.63
CA LEU B 158 -25.10 -18.28 -3.25
C LEU B 158 -25.56 -18.11 -4.69
N ARG B 159 -26.07 -19.17 -5.31
CA ARG B 159 -26.38 -19.13 -6.74
C ARG B 159 -27.40 -18.06 -7.07
N PRO B 160 -28.63 -18.05 -6.50
CA PRO B 160 -29.59 -17.00 -6.89
C PRO B 160 -29.09 -15.59 -6.59
N LEU B 161 -28.47 -15.36 -5.42
CA LEU B 161 -27.91 -14.04 -5.08
C LEU B 161 -26.92 -13.55 -6.12
N TYR B 162 -26.06 -14.44 -6.61
CA TYR B 162 -25.02 -14.02 -7.54
C TYR B 162 -25.62 -13.54 -8.86
N GLU B 163 -26.73 -14.15 -9.28
CA GLU B 163 -27.39 -13.76 -10.54
C GLU B 163 -27.99 -12.37 -10.43
N GLU B 164 -28.58 -12.06 -9.27
CA GLU B 164 -29.06 -10.70 -8.99
C GLU B 164 -27.89 -9.73 -8.92
N TYR B 165 -26.82 -10.13 -8.22
CA TYR B 165 -25.62 -9.29 -8.09
C TYR B 165 -25.09 -8.84 -9.45
N VAL B 166 -25.09 -9.75 -10.44
CA VAL B 166 -24.59 -9.41 -11.78
C VAL B 166 -25.42 -8.32 -12.43
N VAL B 167 -26.75 -8.44 -12.34
CA VAL B 167 -27.65 -7.50 -13.00
C VAL B 167 -27.50 -6.12 -12.40
N LEU B 168 -27.57 -6.04 -11.07
CA LEU B 168 -27.45 -4.75 -10.37
C LEU B 168 -26.08 -4.13 -10.62
N LYS B 169 -25.00 -4.92 -10.52
CA LYS B 169 -23.67 -4.38 -10.72
C LYS B 169 -23.47 -3.93 -12.16
N ASN B 170 -24.03 -4.69 -13.11
CA ASN B 170 -23.94 -4.33 -14.51
C ASN B 170 -24.64 -3.01 -14.79
N GLU B 171 -25.85 -2.82 -14.25
CA GLU B 171 -26.49 -1.53 -14.40
C GLU B 171 -25.63 -0.43 -13.81
N MET B 172 -25.09 -0.64 -12.61
CA MET B 172 -24.27 0.39 -11.98
C MET B 172 -23.14 0.85 -12.89
N ALA B 173 -22.46 -0.11 -13.52
CA ALA B 173 -21.41 0.26 -14.46
C ALA B 173 -21.97 0.90 -15.71
N ARG B 174 -23.09 0.36 -16.25
CA ARG B 174 -23.68 0.94 -17.45
C ARG B 174 -24.10 2.37 -17.19
N ALA B 175 -24.58 2.65 -15.97
CA ALA B 175 -24.96 4.00 -15.61
C ALA B 175 -23.74 4.90 -15.46
N ASN B 176 -22.62 4.33 -15.01
CA ASN B 176 -21.36 5.06 -14.84
C ASN B 176 -20.54 5.15 -16.12
N ASN B 177 -21.15 4.78 -17.26
CA ASN B 177 -20.66 4.95 -18.62
C ASN B 177 -19.72 3.82 -19.05
N TYR B 178 -19.71 2.73 -18.27
CA TYR B 178 -18.93 1.53 -18.57
C TYR B 178 -19.84 0.47 -19.17
N GLU B 179 -19.31 -0.36 -20.07
CA GLU B 179 -20.13 -1.41 -20.74
C GLU B 179 -20.64 -2.39 -19.71
N ASP B 180 -19.79 -2.85 -18.81
CA ASP B 180 -20.19 -3.87 -17.84
C ASP B 180 -19.39 -3.66 -16.57
N TYR B 181 -19.73 -4.45 -15.54
CA TYR B 181 -18.92 -4.46 -14.31
C TYR B 181 -17.46 -4.82 -14.61
N GLY B 182 -17.24 -5.69 -15.59
CA GLY B 182 -15.87 -6.07 -15.92
C GLY B 182 -15.06 -4.91 -16.46
N ASP B 183 -15.64 -4.13 -17.38
CA ASP B 183 -14.99 -2.91 -17.82
C ASP B 183 -14.72 -1.97 -16.66
N TYR B 184 -15.67 -1.89 -15.73
CA TYR B 184 -15.49 -1.08 -14.52
C TYR B 184 -14.26 -1.52 -13.76
N TRP B 185 -14.12 -2.83 -13.53
CA TRP B 185 -12.92 -3.33 -12.86
C TRP B 185 -11.68 -3.03 -13.67
N ARG B 186 -11.72 -3.30 -14.98
CA ARG B 186 -10.54 -3.06 -15.80
C ARG B 186 -10.14 -1.59 -15.95
N GLY B 187 -10.85 -0.65 -15.33
CA GLY B 187 -10.37 0.73 -15.38
C GLY B 187 -9.21 1.00 -14.44
N ASP B 188 -9.04 0.15 -13.42
CA ASP B 188 -7.89 0.25 -12.56
C ASP B 188 -6.58 0.13 -13.31
N TYR B 189 -6.63 -0.38 -14.53
CA TYR B 189 -5.46 -0.41 -15.39
C TYR B 189 -5.51 0.62 -16.50
N GLU B 190 -6.53 1.48 -16.52
CA GLU B 190 -6.59 2.51 -17.54
C GLU B 190 -5.63 3.64 -17.17
N ALA B 191 -5.00 4.25 -18.17
CA ALA B 191 -4.19 5.44 -17.94
C ALA B 191 -4.34 6.36 -19.14
N GLU B 192 -4.76 7.61 -18.87
CA GLU B 192 -4.83 8.61 -19.93
C GLU B 192 -3.44 9.02 -20.37
N GLY B 193 -2.61 9.42 -19.40
CA GLY B 193 -1.20 9.71 -19.62
C GLY B 193 -0.88 10.71 -20.69
N PRO B 194 0.40 10.89 -20.95
CA PRO B 194 0.80 11.75 -22.09
C PRO B 194 0.98 10.89 -23.35
N SER B 195 2.17 10.76 -23.92
CA SER B 195 2.31 10.16 -25.24
C SER B 195 2.99 8.79 -25.12
N GLY B 196 2.34 7.74 -25.65
CA GLY B 196 2.84 6.39 -25.52
C GLY B 196 2.57 5.73 -24.19
N TYR B 197 2.09 6.47 -23.18
CA TYR B 197 1.83 5.94 -21.84
C TYR B 197 0.36 5.77 -21.55
N ASP B 198 -0.52 5.95 -22.53
CA ASP B 198 -1.93 5.64 -22.37
C ASP B 198 -2.15 4.14 -22.36
N TYR B 199 -3.20 3.70 -21.65
CA TYR B 199 -3.60 2.30 -21.59
C TYR B 199 -5.11 2.17 -21.55
N SER B 200 -5.66 1.44 -22.52
CA SER B 200 -7.09 1.19 -22.65
C SER B 200 -7.53 0.03 -21.78
N ARG B 201 -8.72 0.15 -21.19
CA ARG B 201 -9.27 -0.93 -20.38
C ARG B 201 -9.42 -2.21 -21.20
N ASP B 202 -9.80 -2.09 -22.47
CA ASP B 202 -9.84 -3.28 -23.32
C ASP B 202 -8.45 -3.84 -23.57
N GLN B 203 -7.43 -2.99 -23.62
CA GLN B 203 -6.11 -3.51 -23.94
C GLN B 203 -5.58 -4.43 -22.84
N LEU B 204 -6.14 -4.34 -21.64
CA LEU B 204 -5.71 -5.22 -20.56
C LEU B 204 -5.92 -6.67 -20.94
N ILE B 205 -7.09 -6.99 -21.51
CA ILE B 205 -7.38 -8.36 -21.92
C ILE B 205 -6.36 -8.85 -22.93
N GLU B 206 -6.10 -8.07 -24.00
CA GLU B 206 -5.05 -8.41 -24.94
C GLU B 206 -3.77 -8.80 -24.23
N ASP B 207 -3.34 -8.01 -23.26
CA ASP B 207 -2.01 -8.20 -22.70
C ASP B 207 -2.01 -9.35 -21.71
N VAL B 208 -3.15 -9.58 -21.05
CA VAL B 208 -3.30 -10.77 -20.22
C VAL B 208 -3.31 -12.02 -21.07
N GLU B 209 -3.83 -11.94 -22.30
CA GLU B 209 -3.96 -13.15 -23.07
C GLU B 209 -2.68 -13.45 -23.83
N ARG B 210 -2.01 -12.43 -24.38
CA ARG B 210 -0.73 -12.74 -25.02
C ARG B 210 0.29 -13.21 -23.98
N THR B 211 0.31 -12.63 -22.78
CA THR B 211 1.31 -13.08 -21.82
C THR B 211 0.98 -14.48 -21.32
N PHE B 212 -0.30 -14.78 -21.07
CA PHE B 212 -0.61 -16.10 -20.56
C PHE B 212 -0.28 -17.18 -21.59
N ALA B 213 -0.51 -16.88 -22.88
CA ALA B 213 0.04 -17.70 -23.95
C ALA B 213 1.46 -18.14 -23.65
N GLU B 214 2.31 -17.23 -23.21
CA GLU B 214 3.73 -17.48 -23.09
C GLU B 214 4.08 -18.21 -21.82
N ILE B 215 3.25 -18.09 -20.79
CA ILE B 215 3.36 -18.92 -19.61
C ILE B 215 2.92 -20.37 -19.83
N LYS B 216 2.07 -20.61 -20.83
CA LYS B 216 1.43 -21.93 -20.96
C LYS B 216 2.40 -23.09 -21.08
N PRO B 217 3.43 -23.06 -21.95
CA PRO B 217 4.37 -24.19 -22.02
C PRO B 217 5.02 -24.55 -20.67
N LEU B 218 5.36 -23.56 -19.85
CA LEU B 218 5.88 -23.83 -18.50
C LEU B 218 4.82 -24.47 -17.60
N TYR B 219 3.59 -23.94 -17.63
CA TYR B 219 2.53 -24.54 -16.82
C TYR B 219 2.26 -25.98 -17.22
N GLU B 220 2.19 -26.25 -18.54
CA GLU B 220 1.96 -27.62 -19.03
C GLU B 220 2.94 -28.59 -18.44
N HIS B 221 4.23 -28.22 -18.44
CA HIS B 221 5.21 -29.19 -17.99
C HIS B 221 5.18 -29.31 -16.47
N LEU B 222 4.85 -28.23 -15.77
CA LEU B 222 4.68 -28.39 -14.33
C LEU B 222 3.47 -29.26 -14.05
N HIS B 223 2.42 -29.09 -14.86
CA HIS B 223 1.19 -29.88 -14.72
C HIS B 223 1.42 -31.36 -15.03
N ALA B 224 2.13 -31.66 -16.12
CA ALA B 224 2.45 -33.05 -16.43
C ALA B 224 3.26 -33.71 -15.31
N TYR B 225 4.20 -32.96 -14.71
CA TYR B 225 5.03 -33.53 -13.67
C TYR B 225 4.23 -33.84 -12.40
N VAL B 226 3.34 -32.93 -12.02
CA VAL B 226 2.55 -33.12 -10.82
C VAL B 226 1.59 -34.29 -10.97
N ARG B 227 0.94 -34.36 -12.14
CA ARG B 227 0.05 -35.47 -12.45
C ARG B 227 0.76 -36.80 -12.30
N ALA B 228 1.97 -36.92 -12.86
CA ALA B 228 2.74 -38.15 -12.72
C ALA B 228 2.99 -38.49 -11.25
N LYS B 229 3.45 -37.53 -10.45
CA LYS B 229 3.77 -37.82 -9.06
C LYS B 229 2.50 -38.15 -8.27
N LEU B 230 1.39 -37.47 -8.57
CA LEU B 230 0.11 -37.75 -7.90
C LEU B 230 -0.45 -39.10 -8.30
N MET B 231 -0.12 -39.57 -9.52
CA MET B 231 -0.52 -40.92 -9.94
C MET B 231 -0.05 -41.96 -8.95
N ASP B 232 1.09 -41.72 -8.31
CA ASP B 232 1.57 -42.62 -7.27
C ASP B 232 0.71 -42.48 -6.01
N THR B 233 0.19 -41.29 -5.76
CA THR B 233 -0.56 -41.12 -4.51
C THR B 233 -2.02 -41.51 -4.68
N TYR B 234 -2.60 -41.20 -5.83
CA TYR B 234 -3.99 -41.53 -6.14
C TYR B 234 -4.02 -42.33 -7.45
N PRO B 235 -3.69 -43.62 -7.41
CA PRO B 235 -3.58 -44.33 -8.69
C PRO B 235 -4.94 -44.63 -9.30
N SER B 236 -5.96 -44.85 -8.47
CA SER B 236 -7.29 -45.23 -8.96
C SER B 236 -8.04 -44.09 -9.67
N HIS B 237 -7.63 -42.84 -9.50
CA HIS B 237 -8.46 -41.74 -9.95
C HIS B 237 -7.72 -40.71 -10.80
N ILE B 238 -6.59 -41.06 -11.42
CA ILE B 238 -5.83 -40.10 -12.20
C ILE B 238 -5.50 -40.70 -13.56
N ASN B 239 -5.71 -39.91 -14.60
CA ASN B 239 -5.55 -40.41 -15.94
C ASN B 239 -4.38 -39.69 -16.58
N PRO B 240 -3.44 -40.44 -17.17
CA PRO B 240 -2.16 -39.83 -17.54
C PRO B 240 -2.24 -38.89 -18.72
N THR B 241 -3.38 -38.84 -19.42
CA THR B 241 -3.52 -37.89 -20.51
C THR B 241 -4.62 -36.86 -20.23
N GLY B 242 -5.10 -36.83 -18.98
CA GLY B 242 -6.27 -36.08 -18.64
C GLY B 242 -6.00 -35.00 -17.62
N CYS B 243 -7.05 -34.20 -17.38
CA CYS B 243 -7.08 -33.13 -16.40
C CYS B 243 -6.92 -33.69 -14.98
N LEU B 244 -6.68 -32.79 -14.05
CA LEU B 244 -6.57 -33.22 -12.66
C LEU B 244 -7.88 -32.98 -11.91
N PRO B 245 -8.26 -33.92 -11.03
CA PRO B 245 -9.45 -33.72 -10.20
C PRO B 245 -9.29 -32.54 -9.25
N ALA B 246 -10.31 -31.66 -9.21
CA ALA B 246 -10.18 -30.37 -8.55
C ALA B 246 -10.06 -30.47 -7.04
N HIS B 247 -10.52 -31.57 -6.45
CA HIS B 247 -10.38 -31.73 -5.01
C HIS B 247 -9.03 -32.28 -4.58
N LEU B 248 -8.06 -32.45 -5.50
CA LEU B 248 -6.78 -33.00 -5.11
C LEU B 248 -5.63 -32.02 -5.33
N LEU B 249 -5.89 -30.71 -5.30
CA LEU B 249 -4.91 -29.75 -5.74
C LEU B 249 -4.18 -29.05 -4.58
N GLY B 250 -4.47 -29.41 -3.34
CA GLY B 250 -3.72 -28.86 -2.21
C GLY B 250 -4.39 -27.76 -1.43
N ASP B 251 -5.53 -27.24 -1.88
CA ASP B 251 -6.43 -26.39 -1.11
C ASP B 251 -7.81 -26.51 -1.71
N MET B 252 -8.77 -25.77 -1.14
CA MET B 252 -10.17 -26.00 -1.46
C MET B 252 -10.50 -25.75 -2.92
N TRP B 253 -9.70 -24.93 -3.61
CA TRP B 253 -10.03 -24.53 -4.97
C TRP B 253 -8.96 -24.93 -5.96
N GLY B 254 -7.77 -25.25 -5.48
CA GLY B 254 -6.61 -25.35 -6.34
C GLY B 254 -6.06 -24.01 -6.77
N ARG B 255 -6.05 -23.01 -5.87
CA ARG B 255 -5.48 -21.70 -6.21
C ARG B 255 -3.96 -21.71 -6.07
N PHE B 256 -3.44 -22.53 -5.17
CA PHE B 256 -2.00 -22.77 -5.09
C PHE B 256 -1.75 -24.27 -4.99
N TRP B 257 -0.71 -24.73 -5.68
CA TRP B 257 -0.28 -26.11 -5.51
C TRP B 257 0.80 -26.25 -4.44
N THR B 258 1.00 -25.22 -3.63
CA THR B 258 2.08 -25.26 -2.65
C THR B 258 2.03 -26.49 -1.75
N ASN B 259 0.85 -27.00 -1.41
CA ASN B 259 0.79 -28.15 -0.51
C ASN B 259 0.87 -29.49 -1.20
N LEU B 260 1.12 -29.51 -2.49
CA LEU B 260 1.48 -30.74 -3.16
C LEU B 260 2.99 -30.98 -3.13
N TYR B 261 3.73 -30.18 -2.35
CA TYR B 261 5.20 -30.28 -2.36
C TYR B 261 5.68 -31.58 -1.74
N SER B 262 5.07 -32.01 -0.64
CA SER B 262 5.44 -33.29 -0.04
C SER B 262 5.36 -34.43 -1.06
N LEU B 263 4.38 -34.38 -1.98
CA LEU B 263 4.14 -35.45 -2.93
C LEU B 263 4.81 -35.23 -4.29
N THR B 264 5.26 -34.03 -4.59
CA THR B 264 5.90 -33.77 -5.86
C THR B 264 7.38 -33.45 -5.72
N VAL B 265 7.94 -33.61 -4.53
CA VAL B 265 9.26 -33.04 -4.31
C VAL B 265 10.28 -33.75 -5.19
N PRO B 266 11.05 -33.04 -6.00
CA PRO B 266 11.97 -33.73 -6.92
C PRO B 266 12.97 -34.63 -6.21
N PHE B 267 13.64 -34.13 -5.15
CA PHE B 267 14.72 -34.84 -4.46
C PHE B 267 14.39 -34.79 -2.96
N GLY B 268 13.51 -35.69 -2.51
CA GLY B 268 13.02 -35.66 -1.16
C GLY B 268 14.08 -35.87 -0.11
N GLN B 269 15.18 -36.56 -0.46
CA GLN B 269 16.24 -36.77 0.51
C GLN B 269 16.98 -35.46 0.83
N LYS B 270 17.12 -34.57 -0.15
CA LYS B 270 17.77 -33.30 0.09
C LYS B 270 16.83 -32.38 0.83
N PRO B 271 17.18 -31.90 2.02
CA PRO B 271 16.28 -31.04 2.77
C PRO B 271 16.39 -29.60 2.29
N ASN B 272 15.39 -28.82 2.71
CA ASN B 272 15.31 -27.41 2.34
C ASN B 272 16.19 -26.57 3.27
N ILE B 273 16.53 -25.37 2.79
CA ILE B 273 17.38 -24.46 3.54
C ILE B 273 16.55 -23.72 4.57
N ASP B 274 16.87 -23.93 5.83
CA ASP B 274 16.09 -23.34 6.89
C ASP B 274 17.03 -22.81 7.97
N VAL B 275 17.22 -21.48 7.97
CA VAL B 275 18.11 -20.80 8.88
C VAL B 275 17.45 -20.52 10.24
N THR B 276 16.24 -21.03 10.44
CA THR B 276 15.58 -20.91 11.74
C THR B 276 16.51 -21.30 12.89
N ASP B 277 17.16 -22.47 12.79
CA ASP B 277 17.99 -22.96 13.89
C ASP B 277 19.19 -22.06 14.14
N ALA B 278 19.78 -21.50 13.07
CA ALA B 278 20.89 -20.56 13.22
C ALA B 278 20.47 -19.34 14.02
N MET B 279 19.37 -18.69 13.60
CA MET B 279 18.85 -17.53 14.31
C MET B 279 18.62 -17.83 15.77
N VAL B 280 18.03 -18.99 16.08
CA VAL B 280 17.86 -19.31 17.50
C VAL B 280 19.23 -19.49 18.17
N ASP B 281 20.16 -20.16 17.49
CA ASP B 281 21.47 -20.43 18.08
C ASP B 281 22.30 -19.17 18.22
N GLN B 282 22.09 -18.17 17.36
CA GLN B 282 22.71 -16.88 17.54
C GLN B 282 21.85 -15.93 18.34
N SER B 283 20.91 -16.45 19.11
CA SER B 283 20.09 -15.62 20.02
C SER B 283 19.47 -14.40 19.34
N TRP B 284 19.02 -14.52 18.09
CA TRP B 284 18.33 -13.45 17.41
C TRP B 284 16.94 -13.20 18.03
N ASP B 285 16.43 -11.97 17.83
CA ASP B 285 15.11 -11.56 18.34
C ASP B 285 14.38 -10.74 17.27
N ALA B 286 13.13 -10.38 17.58
CA ALA B 286 12.38 -9.55 16.65
C ALA B 286 13.17 -8.31 16.27
N LYS B 287 13.80 -7.68 17.25
CA LYS B 287 14.54 -6.46 16.99
C LYS B 287 15.67 -6.68 15.98
N ARG B 288 16.44 -7.76 16.16
CA ARG B 288 17.51 -8.07 15.22
C ARG B 288 16.94 -8.33 13.81
N ILE B 289 15.89 -9.14 13.73
CA ILE B 289 15.26 -9.43 12.43
C ILE B 289 14.96 -8.13 11.69
N PHE B 290 14.25 -7.21 12.35
CA PHE B 290 13.90 -6.00 11.62
C PHE B 290 15.12 -5.10 11.40
N GLU B 291 16.15 -5.18 12.25
CA GLU B 291 17.37 -4.40 12.03
C GLU B 291 18.11 -4.88 10.79
N GLU B 292 18.20 -6.20 10.61
CA GLU B 292 18.78 -6.72 9.37
C GLU B 292 18.00 -6.24 8.16
N ALA B 293 16.67 -6.23 8.26
CA ALA B 293 15.86 -5.75 7.15
C ALA B 293 16.15 -4.28 6.83
N GLU B 294 16.30 -3.44 7.86
CA GLU B 294 16.61 -2.04 7.58
C GLU B 294 17.95 -1.92 6.89
N LYS B 295 18.91 -2.76 7.31
CA LYS B 295 20.23 -2.76 6.73
C LYS B 295 20.19 -3.14 5.25
N PHE B 296 19.30 -4.08 4.90
CA PHE B 296 19.11 -4.46 3.51
C PHE B 296 18.66 -3.28 2.66
N PHE B 297 17.79 -2.43 3.19
CA PHE B 297 17.40 -1.27 2.38
C PHE B 297 18.47 -0.21 2.45
N VAL B 298 19.12 -0.07 3.61
CA VAL B 298 20.22 0.86 3.66
C VAL B 298 21.28 0.48 2.63
N SER B 299 21.50 -0.83 2.43
CA SER B 299 22.57 -1.24 1.53
C SER B 299 22.29 -0.81 0.09
N VAL B 300 21.02 -0.67 -0.29
CA VAL B 300 20.71 -0.30 -1.67
C VAL B 300 20.47 1.21 -1.85
N GLY B 301 20.73 2.03 -0.84
CA GLY B 301 20.49 3.45 -0.97
C GLY B 301 19.14 3.91 -0.48
N LEU B 302 18.43 3.07 0.28
CA LEU B 302 17.14 3.57 0.68
C LEU B 302 17.17 4.03 2.13
N PRO B 303 16.35 5.05 2.50
CA PRO B 303 15.95 5.35 3.87
C PRO B 303 16.09 4.30 4.96
N ASN B 304 16.64 4.75 6.07
CA ASN B 304 16.51 4.10 7.38
C ASN B 304 15.04 4.17 7.74
N MET B 305 14.65 3.41 8.74
CA MET B 305 13.27 3.48 9.23
C MET B 305 13.18 4.66 10.17
N THR B 306 11.97 5.01 10.55
CA THR B 306 11.74 6.22 11.34
C THR B 306 11.81 5.81 12.80
N GLN B 307 12.00 6.76 13.70
CA GLN B 307 12.04 6.47 15.14
C GLN B 307 10.63 6.06 15.55
N GLY B 308 9.66 6.66 14.89
CA GLY B 308 8.27 6.31 15.15
C GLY B 308 8.06 4.85 14.87
N PHE B 309 8.46 4.38 13.71
CA PHE B 309 8.39 2.94 13.39
C PHE B 309 8.82 2.13 14.61
N TRP B 310 9.97 2.45 15.17
CA TRP B 310 10.59 1.56 16.16
C TRP B 310 9.81 1.67 17.46
N GLU B 311 9.26 2.85 17.71
CA GLU B 311 8.64 3.16 19.02
C GLU B 311 7.18 2.74 19.00
N ASN B 312 6.58 2.77 17.82
CA ASN B 312 5.11 2.82 17.68
C ASN B 312 4.59 1.50 17.10
N SER B 313 5.45 0.74 16.42
CA SER B 313 5.09 -0.56 15.80
C SER B 313 4.86 -1.64 16.84
N MET B 314 4.08 -2.65 16.47
CA MET B 314 3.96 -3.95 17.17
C MET B 314 4.78 -4.96 16.41
N LEU B 315 5.94 -5.30 16.93
CA LEU B 315 6.87 -6.16 16.19
C LEU B 315 7.00 -7.47 16.96
N THR B 316 6.13 -7.63 17.95
CA THR B 316 6.04 -8.80 18.86
C THR B 316 4.64 -8.83 19.45
N GLU B 317 4.07 -10.01 19.57
CA GLU B 317 2.81 -10.24 20.31
C GLU B 317 2.91 -9.61 21.69
N PRO B 318 1.97 -8.72 22.03
CA PRO B 318 2.09 -7.87 23.17
C PRO B 318 2.30 -8.65 24.47
N GLY B 319 1.68 -9.81 24.61
CA GLY B 319 1.45 -10.35 25.96
C GLY B 319 0.52 -9.46 26.74
N ASP B 320 1.05 -8.76 27.75
CA ASP B 320 0.23 -7.95 28.68
C ASP B 320 -1.02 -8.76 29.01
N GLY B 321 -2.16 -8.38 28.43
CA GLY B 321 -3.36 -9.22 28.35
C GLY B 321 -4.07 -8.96 27.03
N ARG B 322 -3.38 -8.21 26.19
CA ARG B 322 -3.98 -7.61 24.99
C ARG B 322 -4.13 -8.71 23.95
N LYS B 323 -5.33 -8.82 23.42
CA LYS B 323 -5.63 -9.63 22.23
C LYS B 323 -5.30 -8.78 21.02
N VAL B 324 -4.64 -9.40 20.06
CA VAL B 324 -4.06 -8.70 18.92
C VAL B 324 -4.36 -9.51 17.67
N VAL B 325 -4.37 -8.81 16.54
CA VAL B 325 -4.35 -9.41 15.19
C VAL B 325 -2.89 -9.59 14.80
N CYS B 326 -2.54 -10.78 14.36
CA CYS B 326 -1.14 -11.23 14.30
C CYS B 326 -0.81 -11.46 12.85
N HIS B 327 -1.83 -11.40 12.02
CA HIS B 327 -1.62 -11.32 10.56
C HIS B 327 -0.69 -10.16 10.25
N PRO B 328 0.38 -10.42 9.51
CA PRO B 328 1.35 -9.42 9.17
C PRO B 328 0.87 -8.29 8.24
N THR B 329 0.78 -7.08 8.81
CA THR B 329 0.20 -5.90 8.13
C THR B 329 1.17 -4.73 8.22
N ALA B 330 1.59 -4.18 7.07
CA ALA B 330 2.26 -2.87 7.01
C ALA B 330 1.20 -1.80 6.74
N TRP B 331 1.42 -0.57 7.23
CA TRP B 331 0.29 0.34 7.51
C TRP B 331 0.34 1.61 6.65
N ASP B 332 1.22 2.56 7.03
CA ASP B 332 1.10 4.00 6.66
C ASP B 332 -0.18 4.56 7.29
N LEU B 333 -0.06 5.10 8.51
CA LEU B 333 -1.22 5.66 9.24
C LEU B 333 -1.48 7.10 8.77
N GLY B 334 -0.59 7.63 7.94
CA GLY B 334 -0.65 9.00 7.45
C GLY B 334 0.28 9.85 8.25
N LYS B 335 0.69 10.96 7.66
CA LYS B 335 1.35 12.09 8.34
C LYS B 335 2.71 11.66 8.89
N GLY B 336 3.43 10.81 8.16
CA GLY B 336 4.76 10.36 8.61
C GLY B 336 4.69 9.24 9.62
N ASP B 337 3.50 8.77 9.90
CA ASP B 337 3.28 7.59 10.77
C ASP B 337 3.30 6.36 9.90
N PHE B 338 4.34 5.56 10.13
CA PHE B 338 4.72 4.33 9.38
C PHE B 338 5.00 3.24 10.41
N ARG B 339 4.15 2.22 10.44
CA ARG B 339 4.24 1.12 11.42
C ARG B 339 4.02 -0.24 10.75
N ILE B 340 4.49 -1.30 11.40
CA ILE B 340 4.18 -2.73 11.08
C ILE B 340 3.61 -3.39 12.32
N LYS B 341 2.55 -4.17 12.14
CA LYS B 341 2.02 -5.12 13.13
C LYS B 341 2.32 -6.54 12.68
N MET B 342 3.37 -7.12 13.25
CA MET B 342 3.72 -8.53 13.10
C MET B 342 3.95 -9.12 14.48
N CYS B 343 3.36 -10.27 14.75
CA CYS B 343 3.67 -11.03 15.96
C CYS B 343 4.88 -11.92 15.68
N THR B 344 6.06 -11.31 15.58
CA THR B 344 7.25 -11.88 14.90
C THR B 344 7.87 -12.96 15.79
N LYS B 345 8.11 -14.10 15.17
CA LYS B 345 8.77 -15.27 15.76
C LYS B 345 10.12 -15.43 15.10
N VAL B 346 11.04 -16.12 15.75
CA VAL B 346 12.44 -16.24 15.27
C VAL B 346 12.52 -17.49 14.40
N THR B 347 12.04 -17.32 13.18
CA THR B 347 11.80 -18.34 12.14
C THR B 347 12.27 -17.73 10.83
N MET B 348 12.65 -18.54 9.85
CA MET B 348 13.18 -18.03 8.58
C MET B 348 12.06 -17.31 7.84
N ASP B 349 10.85 -17.74 8.08
CA ASP B 349 9.70 -17.26 7.28
C ASP B 349 9.38 -15.83 7.71
N ASP B 350 9.44 -15.56 9.00
CA ASP B 350 9.08 -14.24 9.57
C ASP B 350 10.25 -13.27 9.36
N PHE B 351 11.45 -13.81 9.15
CA PHE B 351 12.63 -13.04 8.73
C PHE B 351 12.35 -12.46 7.35
N LEU B 352 11.70 -13.27 6.56
CA LEU B 352 11.53 -13.02 5.13
C LEU B 352 10.30 -12.14 4.94
N THR B 353 9.32 -12.30 5.81
CA THR B 353 8.09 -11.49 5.86
C THR B 353 8.47 -10.07 6.20
N ALA B 354 9.45 -9.87 7.08
CA ALA B 354 9.80 -8.54 7.61
C ALA B 354 10.38 -7.71 6.49
N HIS B 355 11.04 -8.39 5.57
CA HIS B 355 11.74 -7.75 4.45
C HIS B 355 10.72 -7.33 3.42
N HIS B 356 9.59 -8.01 3.43
CA HIS B 356 8.52 -7.80 2.45
C HIS B 356 7.63 -6.64 2.91
N GLU B 357 7.43 -6.57 4.20
CA GLU B 357 6.50 -5.61 4.80
C GLU B 357 7.23 -4.28 4.96
N MET B 358 8.55 -4.30 4.96
CA MET B 358 9.31 -3.06 5.10
C MET B 358 9.60 -2.53 3.70
N GLY B 359 9.23 -3.30 2.69
CA GLY B 359 9.27 -2.86 1.30
C GLY B 359 7.98 -2.20 0.94
N HIS B 360 6.95 -2.57 1.67
CA HIS B 360 5.70 -1.79 1.74
C HIS B 360 6.02 -0.44 2.38
N ILE B 361 6.48 -0.46 3.62
CA ILE B 361 6.75 0.76 4.41
C ILE B 361 7.63 1.67 3.58
N GLN B 362 8.53 1.10 2.82
CA GLN B 362 9.51 1.91 2.09
C GLN B 362 8.89 2.54 0.85
N TYR B 363 7.94 1.84 0.22
CA TYR B 363 7.10 2.40 -0.89
C TYR B 363 6.26 3.52 -0.30
N ASP B 364 5.61 3.21 0.81
CA ASP B 364 4.78 4.15 1.59
C ASP B 364 5.51 5.48 1.80
N MET B 365 6.83 5.43 1.97
CA MET B 365 7.63 6.49 2.60
C MET B 365 8.16 7.38 1.50
N ALA B 366 8.22 6.80 0.31
CA ALA B 366 8.78 7.46 -0.87
C ALA B 366 7.69 8.22 -1.61
N TYR B 367 6.45 7.74 -1.54
CA TYR B 367 5.31 8.31 -2.29
C TYR B 367 4.57 9.27 -1.38
N ALA B 368 5.17 9.62 -0.27
CA ALA B 368 4.49 10.48 0.72
C ALA B 368 4.92 11.90 0.45
N VAL B 369 5.73 12.04 -0.58
CA VAL B 369 6.18 13.34 -1.15
C VAL B 369 5.06 13.77 -2.10
N GLN B 370 4.09 12.90 -2.25
CA GLN B 370 2.99 13.06 -3.23
C GLN B 370 1.74 13.53 -2.50
N PRO B 371 0.92 14.35 -3.16
CA PRO B 371 -0.44 14.59 -2.79
C PRO B 371 -1.21 13.37 -2.27
N TYR B 372 -2.05 13.56 -1.27
CA TYR B 372 -2.68 12.46 -0.51
C TYR B 372 -3.33 11.47 -1.46
N LEU B 373 -3.92 11.96 -2.54
CA LEU B 373 -4.76 11.11 -3.39
C LEU B 373 -3.90 10.41 -4.44
N LEU B 374 -2.61 10.75 -4.52
CA LEU B 374 -1.68 10.19 -5.53
C LEU B 374 -0.65 9.33 -4.81
N ARG B 375 -0.99 8.91 -3.60
CA ARG B 375 -0.10 8.17 -2.69
C ARG B 375 -0.60 6.74 -2.58
N ASN B 376 -0.50 5.98 -3.65
CA ASN B 376 -0.57 4.52 -3.59
C ASN B 376 0.35 4.00 -4.67
N GLY B 377 0.28 2.71 -4.96
CA GLY B 377 1.01 2.14 -6.09
C GLY B 377 0.40 2.56 -7.38
N ALA B 378 1.17 2.42 -8.45
CA ALA B 378 0.80 2.89 -9.77
C ALA B 378 -0.44 2.16 -10.23
N ASN B 379 -0.53 0.91 -9.84
CA ASN B 379 -1.71 0.07 -9.99
C ASN B 379 -1.76 -0.86 -8.80
N GLU B 380 -2.71 -1.78 -8.82
CA GLU B 380 -3.02 -2.66 -7.68
C GLU B 380 -2.01 -3.79 -7.65
N GLY B 381 -1.15 -3.83 -8.66
CA GLY B 381 -0.15 -4.90 -8.75
C GLY B 381 1.22 -4.52 -8.26
N PHE B 382 1.48 -3.25 -8.02
CA PHE B 382 2.87 -2.79 -7.87
C PHE B 382 3.31 -3.06 -6.42
N HIS B 383 2.40 -2.90 -5.49
CA HIS B 383 2.78 -2.78 -4.07
C HIS B 383 3.30 -4.11 -3.55
N GLU B 384 2.65 -5.21 -3.90
CA GLU B 384 3.03 -6.52 -3.32
C GLU B 384 4.19 -7.08 -4.12
N ALA B 385 4.38 -6.57 -5.33
CA ALA B 385 5.54 -6.96 -6.15
C ALA B 385 6.82 -6.37 -5.57
N VAL B 386 6.75 -5.17 -5.02
CA VAL B 386 7.88 -4.50 -4.32
C VAL B 386 8.23 -5.29 -3.08
N GLY B 387 7.24 -5.68 -2.29
CA GLY B 387 7.55 -6.52 -1.14
C GLY B 387 8.15 -7.84 -1.54
N GLU B 388 7.76 -8.36 -2.68
CA GLU B 388 8.11 -9.74 -3.08
C GLU B 388 9.56 -9.79 -3.50
N ILE B 389 10.05 -8.77 -4.18
CA ILE B 389 11.46 -8.71 -4.66
C ILE B 389 12.43 -8.63 -3.49
N MET B 390 11.89 -8.47 -2.30
CA MET B 390 12.65 -8.21 -1.05
C MET B 390 12.81 -9.50 -0.29
N SER B 391 11.81 -10.37 -0.38
CA SER B 391 11.92 -11.78 0.09
C SER B 391 12.74 -12.61 -0.88
N LEU B 392 12.91 -12.14 -2.09
CA LEU B 392 13.57 -12.97 -3.11
C LEU B 392 15.06 -12.85 -2.91
N SER B 393 15.52 -11.66 -2.56
CA SER B 393 16.94 -11.31 -2.49
C SER B 393 17.51 -11.81 -1.17
N ALA B 394 16.66 -11.98 -0.19
CA ALA B 394 17.05 -12.09 1.21
C ALA B 394 17.04 -13.54 1.61
N ALA B 395 16.59 -14.37 0.69
CA ALA B 395 16.50 -15.81 0.92
C ALA B 395 17.52 -16.47 0.02
N THR B 396 18.20 -15.65 -0.75
CA THR B 396 19.25 -16.20 -1.59
C THR B 396 20.31 -16.68 -0.63
N PRO B 397 20.99 -17.78 -0.97
CA PRO B 397 21.99 -18.31 -0.09
C PRO B 397 23.16 -17.34 0.15
N ASN B 398 23.43 -16.44 -0.79
CA ASN B 398 24.52 -15.45 -0.71
C ASN B 398 24.25 -14.36 0.33
N HIS B 399 23.03 -13.83 0.36
CA HIS B 399 22.60 -12.93 1.45
C HIS B 399 22.70 -13.68 2.76
N LEU B 400 22.13 -14.87 2.82
CA LEU B 400 21.99 -15.56 4.11
C LEU B 400 23.38 -15.92 4.62
N LYS B 401 24.32 -16.12 3.71
CA LYS B 401 25.73 -16.31 4.09
C LYS B 401 26.31 -15.02 4.66
N ALA B 402 26.28 -13.95 3.88
CA ALA B 402 26.90 -12.66 4.22
C ALA B 402 26.42 -12.11 5.56
N ILE B 403 25.20 -12.44 5.95
CA ILE B 403 24.62 -11.87 7.19
C ILE B 403 24.81 -12.85 8.33
N GLY B 404 25.32 -14.04 8.01
CA GLY B 404 25.90 -14.95 9.01
C GLY B 404 25.00 -16.08 9.41
N LEU B 405 24.04 -16.42 8.58
CA LEU B 405 23.04 -17.43 8.97
C LEU B 405 23.32 -18.70 8.19
N LEU B 406 24.13 -18.56 7.15
CA LEU B 406 24.67 -19.69 6.38
C LEU B 406 26.19 -19.61 6.42
N PRO B 407 26.84 -20.72 6.84
CA PRO B 407 28.28 -20.82 6.90
C PRO B 407 28.97 -20.45 5.58
N PRO B 408 30.16 -19.82 5.62
CA PRO B 408 30.78 -19.25 4.43
C PRO B 408 31.10 -20.27 3.33
N ASP B 409 30.99 -21.54 3.69
CA ASP B 409 31.42 -22.73 2.91
C ASP B 409 30.19 -23.48 2.40
N PHE B 410 29.05 -22.81 2.30
CA PHE B 410 27.76 -23.52 2.08
C PHE B 410 27.73 -24.18 0.70
N TYR B 411 27.25 -25.42 0.68
CA TYR B 411 27.03 -26.18 -0.56
C TYR B 411 25.69 -25.83 -1.19
N GLU B 412 25.78 -25.01 -2.22
CA GLU B 412 24.70 -24.80 -3.20
C GLU B 412 24.66 -26.00 -4.16
N ASP B 413 23.71 -26.89 -3.97
CA ASP B 413 23.59 -28.08 -4.84
C ASP B 413 22.40 -27.95 -5.78
N SER B 414 22.57 -28.54 -6.95
CA SER B 414 21.70 -28.35 -8.12
C SER B 414 20.33 -28.88 -7.76
N GLU B 415 20.35 -29.90 -6.93
CA GLU B 415 19.13 -30.62 -6.50
C GLU B 415 18.36 -29.74 -5.53
N THR B 416 19.06 -29.01 -4.67
CA THR B 416 18.36 -28.18 -3.68
C THR B 416 17.83 -26.93 -4.37
N GLU B 417 18.50 -26.52 -5.44
CA GLU B 417 18.04 -25.39 -6.25
C GLU B 417 16.77 -25.80 -6.99
N ILE B 418 16.71 -27.03 -7.44
CA ILE B 418 15.55 -27.49 -8.27
C ILE B 418 14.38 -27.71 -7.33
N ASN B 419 14.67 -28.21 -6.14
CA ASN B 419 13.61 -28.49 -5.16
C ASN B 419 12.97 -27.17 -4.76
N PHE B 420 13.76 -26.10 -4.68
CA PHE B 420 13.30 -24.71 -4.45
C PHE B 420 12.43 -24.22 -5.58
N LEU B 421 12.95 -24.23 -6.80
CA LEU B 421 12.23 -23.63 -7.94
C LEU B 421 10.92 -24.37 -8.21
N LEU B 422 10.80 -25.61 -7.76
CA LEU B 422 9.53 -26.34 -7.77
C LEU B 422 8.57 -25.71 -6.77
N LYS B 423 8.99 -25.45 -5.55
CA LYS B 423 8.02 -24.98 -4.52
C LYS B 423 7.53 -23.61 -4.93
N GLN B 424 8.41 -22.87 -5.58
CA GLN B 424 8.10 -21.55 -6.17
C GLN B 424 7.10 -21.74 -7.29
N ALA B 425 7.32 -22.70 -8.18
CA ALA B 425 6.41 -22.94 -9.32
C ALA B 425 5.04 -23.35 -8.82
N LEU B 426 5.02 -24.18 -7.80
CA LEU B 426 3.73 -24.68 -7.31
C LEU B 426 2.90 -23.54 -6.76
N THR B 427 3.52 -22.47 -6.26
CA THR B 427 2.78 -21.29 -5.73
C THR B 427 2.62 -20.26 -6.85
N ILE B 428 3.70 -19.92 -7.52
CA ILE B 428 3.75 -18.73 -8.39
C ILE B 428 3.11 -19.05 -9.74
N VAL B 429 3.49 -20.16 -10.35
CA VAL B 429 3.07 -20.58 -11.72
C VAL B 429 1.75 -21.31 -11.62
N GLY B 430 1.52 -22.00 -10.52
CA GLY B 430 0.26 -22.69 -10.28
C GLY B 430 -0.95 -21.83 -10.47
N THR B 431 -0.90 -20.61 -9.94
CA THR B 431 -2.07 -19.73 -9.76
C THR B 431 -2.30 -18.98 -11.05
N LEU B 432 -1.30 -18.88 -11.88
CA LEU B 432 -1.42 -18.00 -13.05
C LEU B 432 -2.54 -18.46 -13.98
N PRO B 433 -2.73 -19.76 -14.28
CA PRO B 433 -3.95 -20.24 -14.89
C PRO B 433 -5.25 -20.11 -14.09
N PHE B 434 -5.28 -20.52 -12.84
CA PHE B 434 -6.46 -20.37 -11.96
C PHE B 434 -6.95 -18.93 -12.03
N THR B 435 -6.04 -17.98 -11.86
CA THR B 435 -6.32 -16.54 -11.82
C THR B 435 -6.97 -16.10 -13.13
N TYR B 436 -6.24 -16.16 -14.25
CA TYR B 436 -6.78 -15.79 -15.57
C TYR B 436 -8.16 -16.37 -15.83
N MET B 437 -8.42 -17.63 -15.47
CA MET B 437 -9.68 -18.32 -15.84
C MET B 437 -10.83 -17.81 -14.98
N LEU B 438 -10.60 -17.64 -13.68
CA LEU B 438 -11.62 -17.00 -12.84
C LEU B 438 -12.03 -15.69 -13.49
N GLU B 439 -11.05 -14.86 -13.78
CA GLU B 439 -11.40 -13.49 -14.18
C GLU B 439 -11.93 -13.50 -15.59
N LYS B 440 -11.56 -14.46 -16.43
CA LYS B 440 -12.15 -14.46 -17.79
C LYS B 440 -13.62 -14.79 -17.65
N TRP B 441 -13.92 -15.76 -16.82
CA TRP B 441 -15.30 -16.20 -16.62
C TRP B 441 -16.11 -15.01 -16.14
N ARG B 442 -15.62 -14.33 -15.12
CA ARG B 442 -16.37 -13.21 -14.53
C ARG B 442 -16.50 -12.14 -15.59
N TRP B 443 -15.43 -11.81 -16.28
CA TRP B 443 -15.45 -10.75 -17.30
C TRP B 443 -16.49 -11.08 -18.36
N MET B 444 -16.70 -12.38 -18.59
CA MET B 444 -17.51 -12.85 -19.73
C MET B 444 -18.96 -13.08 -19.28
N VAL B 445 -19.16 -13.51 -18.06
CA VAL B 445 -20.50 -13.41 -17.43
C VAL B 445 -20.95 -11.96 -17.41
N PHE B 446 -20.08 -11.05 -16.99
CA PHE B 446 -20.46 -9.63 -16.87
C PHE B 446 -20.73 -9.05 -18.26
N LYS B 447 -20.05 -9.53 -19.29
CA LYS B 447 -20.32 -9.01 -20.64
C LYS B 447 -21.59 -9.66 -21.19
N GLY B 448 -22.01 -10.76 -20.59
CA GLY B 448 -23.22 -11.50 -20.99
C GLY B 448 -22.92 -12.55 -22.03
N GLU B 449 -21.64 -12.84 -22.25
CA GLU B 449 -21.24 -13.80 -23.28
C GLU B 449 -21.46 -15.21 -22.74
N ILE B 450 -21.58 -15.32 -21.44
CA ILE B 450 -21.95 -16.60 -20.78
C ILE B 450 -23.36 -16.47 -20.20
N PRO B 451 -24.34 -17.15 -20.81
CA PRO B 451 -25.68 -17.23 -20.29
C PRO B 451 -25.71 -17.83 -18.89
N LYS B 452 -26.72 -17.47 -18.12
CA LYS B 452 -26.88 -18.03 -16.77
C LYS B 452 -27.15 -19.52 -16.87
N GLU B 453 -27.51 -19.99 -18.05
CA GLU B 453 -27.99 -21.37 -18.23
C GLU B 453 -26.79 -22.26 -18.51
N GLU B 454 -25.62 -21.63 -18.63
CA GLU B 454 -24.40 -22.27 -19.16
C GLU B 454 -23.24 -21.87 -18.25
N TRP B 455 -23.53 -21.15 -17.18
CA TRP B 455 -22.50 -20.49 -16.35
C TRP B 455 -21.48 -21.53 -15.95
N MET B 456 -21.97 -22.51 -15.22
CA MET B 456 -21.15 -23.57 -14.59
C MET B 456 -20.90 -24.67 -15.60
N LYS B 457 -21.33 -24.48 -16.83
CA LYS B 457 -20.94 -25.45 -17.86
C LYS B 457 -19.65 -24.90 -18.43
N LYS B 458 -19.63 -23.60 -18.72
CA LYS B 458 -18.43 -22.94 -19.28
C LYS B 458 -17.36 -22.86 -18.21
N TRP B 459 -17.75 -22.55 -16.98
CA TRP B 459 -16.79 -22.61 -15.85
C TRP B 459 -15.90 -23.82 -16.04
N TRP B 460 -16.53 -24.98 -16.01
CA TRP B 460 -15.80 -26.26 -15.90
C TRP B 460 -15.21 -26.66 -17.25
N GLU B 461 -15.83 -26.28 -18.34
CA GLU B 461 -15.20 -26.39 -19.66
C GLU B 461 -13.87 -25.66 -19.63
N MET B 462 -13.87 -24.48 -19.04
CA MET B 462 -12.74 -23.53 -19.12
C MET B 462 -11.61 -23.96 -18.18
N LYS B 463 -11.97 -24.50 -17.03
CA LYS B 463 -10.99 -25.11 -16.13
C LYS B 463 -10.34 -26.26 -16.85
N ARG B 464 -11.12 -27.11 -17.48
CA ARG B 464 -10.54 -28.22 -18.30
C ARG B 464 -9.52 -27.68 -19.30
N GLU B 465 -9.92 -26.77 -20.15
CA GLU B 465 -9.10 -26.38 -21.31
C GLU B 465 -7.88 -25.57 -20.86
N ILE B 466 -8.05 -24.71 -19.86
CA ILE B 466 -7.04 -23.66 -19.54
C ILE B 466 -6.24 -24.09 -18.32
N VAL B 467 -6.92 -24.54 -17.30
CA VAL B 467 -6.23 -24.80 -16.01
C VAL B 467 -5.80 -26.27 -15.98
N GLY B 468 -6.39 -27.09 -16.83
CA GLY B 468 -6.07 -28.52 -16.82
C GLY B 468 -6.71 -29.23 -15.66
N VAL B 469 -7.90 -28.79 -15.28
CA VAL B 469 -8.55 -29.20 -14.01
C VAL B 469 -9.99 -29.62 -14.29
N VAL B 470 -10.44 -30.69 -13.62
CA VAL B 470 -11.70 -31.43 -13.92
C VAL B 470 -12.53 -31.60 -12.65
N GLU B 471 -13.84 -31.64 -12.81
CA GLU B 471 -14.85 -31.70 -11.74
C GLU B 471 -14.90 -33.11 -11.18
N PRO B 472 -14.57 -33.30 -9.91
CA PRO B 472 -14.70 -34.59 -9.27
C PRO B 472 -16.08 -35.22 -9.45
N VAL B 473 -17.11 -34.43 -9.14
CA VAL B 473 -18.54 -34.76 -9.31
C VAL B 473 -19.08 -33.83 -10.37
N PRO B 474 -20.05 -34.22 -11.20
CA PRO B 474 -20.66 -33.31 -12.15
C PRO B 474 -21.48 -32.22 -11.45
N HIS B 475 -21.60 -31.06 -12.09
CA HIS B 475 -22.23 -29.90 -11.43
C HIS B 475 -23.13 -29.19 -12.43
N ASP B 476 -24.36 -28.89 -12.03
CA ASP B 476 -25.34 -28.17 -12.89
C ASP B 476 -25.40 -26.70 -12.50
N GLU B 477 -26.48 -26.05 -12.90
CA GLU B 477 -26.62 -24.58 -12.75
C GLU B 477 -27.42 -24.30 -11.48
N THR B 478 -27.49 -25.29 -10.62
CA THR B 478 -27.96 -25.15 -9.23
C THR B 478 -26.77 -24.79 -8.35
N TYR B 479 -25.69 -24.36 -8.99
CA TYR B 479 -24.35 -24.23 -8.38
C TYR B 479 -23.80 -22.87 -8.79
N CYS B 480 -23.20 -22.16 -7.85
CA CYS B 480 -22.20 -21.12 -8.19
C CYS B 480 -20.92 -21.50 -7.47
N ASP B 481 -19.99 -22.02 -8.24
CA ASP B 481 -18.71 -22.57 -7.75
C ASP B 481 -17.67 -21.50 -7.94
N PRO B 482 -17.70 -20.67 -9.01
CA PRO B 482 -16.90 -19.49 -9.02
C PRO B 482 -16.82 -18.85 -7.64
N ALA B 483 -17.94 -18.81 -6.96
CA ALA B 483 -18.24 -17.88 -5.87
C ALA B 483 -18.15 -18.63 -4.56
N ALA B 484 -17.55 -19.80 -4.58
CA ALA B 484 -17.20 -20.47 -3.32
C ALA B 484 -15.77 -20.08 -2.95
N LEU B 485 -15.17 -19.20 -3.73
CA LEU B 485 -13.92 -18.49 -3.32
C LEU B 485 -14.28 -17.13 -2.73
N PHE B 486 -13.60 -16.79 -1.64
CA PHE B 486 -13.74 -15.50 -0.92
C PHE B 486 -14.00 -14.39 -1.90
N HIS B 487 -13.07 -14.20 -2.80
CA HIS B 487 -12.90 -12.93 -3.52
C HIS B 487 -14.12 -12.68 -4.38
N VAL B 488 -14.89 -13.71 -4.65
CA VAL B 488 -15.94 -13.68 -5.71
C VAL B 488 -17.27 -13.45 -4.99
N ALA B 489 -17.37 -14.00 -3.79
CA ALA B 489 -18.53 -13.76 -2.89
C ALA B 489 -18.41 -12.41 -2.19
N ASN B 490 -17.20 -11.86 -2.07
CA ASN B 490 -16.95 -10.63 -1.29
C ASN B 490 -16.50 -9.53 -2.24
N ASP B 491 -16.79 -9.69 -3.52
CA ASP B 491 -16.77 -8.62 -4.55
C ASP B 491 -15.38 -7.99 -4.61
N TYR B 492 -14.41 -8.78 -5.02
CA TYR B 492 -13.01 -8.35 -5.20
C TYR B 492 -12.51 -8.92 -6.52
N SER B 493 -11.98 -8.03 -7.36
CA SER B 493 -11.16 -8.34 -8.55
C SER B 493 -10.02 -9.30 -8.21
N PHE B 494 -9.55 -10.05 -9.20
CA PHE B 494 -8.62 -11.19 -8.98
C PHE B 494 -7.39 -11.10 -9.86
N ILE B 495 -7.44 -10.36 -10.95
CA ILE B 495 -6.33 -10.35 -11.94
C ILE B 495 -5.11 -9.67 -11.32
N ARG B 496 -5.24 -9.16 -10.10
CA ARG B 496 -4.15 -8.43 -9.43
C ARG B 496 -3.03 -9.42 -9.17
N TYR B 497 -3.41 -10.67 -8.97
CA TYR B 497 -2.49 -11.70 -8.50
C TYR B 497 -1.66 -12.16 -9.68
N TYR B 498 -2.23 -12.07 -10.86
CA TYR B 498 -1.56 -12.40 -12.13
C TYR B 498 -0.61 -11.29 -12.51
N THR B 499 -1.08 -10.06 -12.40
CA THR B 499 -0.34 -8.86 -12.81
C THR B 499 0.81 -8.62 -11.85
N ARG B 500 0.58 -8.74 -10.55
CA ARG B 500 1.68 -8.73 -9.55
C ARG B 500 2.84 -9.54 -10.08
N THR B 501 2.55 -10.76 -10.50
CA THR B 501 3.55 -11.82 -10.67
C THR B 501 4.48 -11.46 -11.82
N ILE B 502 3.93 -10.87 -12.86
CA ILE B 502 4.76 -10.64 -14.05
C ILE B 502 5.64 -9.43 -13.79
N TYR B 503 5.12 -8.49 -13.02
CA TYR B 503 5.83 -7.27 -12.57
C TYR B 503 6.98 -7.64 -11.66
N GLN B 504 6.68 -8.32 -10.57
CA GLN B 504 7.67 -8.89 -9.62
C GLN B 504 8.99 -9.18 -10.33
N PHE B 505 8.94 -10.00 -11.37
CA PHE B 505 10.13 -10.67 -11.94
C PHE B 505 10.75 -9.76 -12.99
N GLN B 506 9.98 -8.79 -13.46
CA GLN B 506 10.47 -7.74 -14.38
C GLN B 506 11.33 -6.78 -13.57
N PHE B 507 10.91 -6.57 -12.34
CA PHE B 507 11.54 -5.59 -11.45
C PHE B 507 12.85 -6.18 -11.00
N GLN B 508 12.80 -7.42 -10.54
CA GLN B 508 14.01 -8.15 -10.09
C GLN B 508 15.00 -8.26 -11.22
N GLU B 509 14.58 -8.63 -12.42
CA GLU B 509 15.56 -8.82 -13.52
C GLU B 509 16.32 -7.53 -13.80
N ALA B 510 15.71 -6.39 -13.55
CA ALA B 510 16.28 -5.09 -13.94
C ALA B 510 17.13 -4.53 -12.82
N LEU B 511 16.74 -4.86 -11.60
CA LEU B 511 17.52 -4.42 -10.44
C LEU B 511 18.74 -5.32 -10.36
N CYS B 512 18.67 -6.51 -10.93
CA CYS B 512 19.75 -7.48 -10.78
C CYS B 512 20.71 -7.30 -11.95
N GLN B 513 20.29 -6.54 -12.94
CA GLN B 513 21.16 -6.19 -14.08
C GLN B 513 21.91 -4.93 -13.75
N THR B 514 21.40 -4.15 -12.80
CA THR B 514 22.06 -2.90 -12.38
C THR B 514 23.09 -3.23 -11.30
N ALA B 515 22.88 -4.33 -10.58
CA ALA B 515 23.80 -4.89 -9.59
C ALA B 515 24.74 -5.86 -10.27
N LYS B 516 24.60 -5.90 -11.59
CA LYS B 516 25.50 -6.62 -12.52
C LYS B 516 25.65 -8.07 -12.06
N HIS B 517 24.52 -8.73 -11.81
CA HIS B 517 24.50 -10.15 -11.38
C HIS B 517 25.00 -11.05 -12.49
N GLU B 518 25.91 -11.93 -12.09
CA GLU B 518 26.37 -13.06 -12.91
C GLU B 518 25.61 -14.28 -12.44
N GLY B 519 24.62 -14.69 -13.20
CA GLY B 519 24.24 -16.10 -13.27
C GLY B 519 22.75 -16.26 -13.18
N PRO B 520 22.28 -17.37 -12.59
CA PRO B 520 20.87 -17.57 -12.41
C PRO B 520 20.18 -16.52 -11.53
N LEU B 521 19.09 -15.97 -12.04
CA LEU B 521 18.29 -14.87 -11.48
C LEU B 521 17.71 -15.32 -10.15
N HIS B 522 17.50 -16.61 -10.02
CA HIS B 522 16.88 -17.18 -8.80
C HIS B 522 17.82 -17.05 -7.61
N LYS B 523 19.04 -16.57 -7.87
CA LYS B 523 20.11 -16.53 -6.86
C LYS B 523 20.65 -15.11 -6.70
N CYS B 524 19.87 -14.11 -7.12
CA CYS B 524 20.26 -12.68 -7.12
C CYS B 524 19.93 -12.04 -5.79
N ASP B 525 20.91 -11.34 -5.22
CA ASP B 525 20.72 -10.42 -4.08
C ASP B 525 21.23 -9.06 -4.52
N ILE B 526 20.46 -8.04 -4.20
CA ILE B 526 20.65 -6.69 -4.77
C ILE B 526 21.36 -5.92 -3.68
N SER B 527 21.58 -6.59 -2.56
CA SER B 527 22.30 -6.01 -1.43
C SER B 527 23.59 -5.39 -1.95
N ASN B 528 23.82 -4.18 -1.49
CA ASN B 528 25.06 -3.39 -1.61
C ASN B 528 25.05 -2.74 -2.99
N SER B 529 23.87 -2.57 -3.57
CA SER B 529 23.74 -1.91 -4.90
C SER B 529 22.95 -0.62 -4.76
N THR B 530 23.69 0.48 -4.80
CA THR B 530 23.19 1.84 -4.59
C THR B 530 22.47 2.24 -5.88
N GLU B 531 22.91 1.65 -6.97
CA GLU B 531 22.39 1.96 -8.31
C GLU B 531 20.98 1.38 -8.47
N ALA B 532 20.77 0.23 -7.87
CA ALA B 532 19.50 -0.49 -8.02
C ALA B 532 18.44 0.26 -7.24
N GLY B 533 18.81 0.76 -6.08
CA GLY B 533 17.86 1.44 -5.19
C GLY B 533 17.52 2.80 -5.73
N GLN B 534 18.38 3.35 -6.56
CA GLN B 534 18.02 4.56 -7.30
C GLN B 534 16.86 4.23 -8.23
N LYS B 535 17.02 3.21 -9.07
CA LYS B 535 15.99 2.89 -10.08
C LYS B 535 14.71 2.55 -9.35
N LEU B 536 14.81 1.83 -8.26
CA LEU B 536 13.64 1.36 -7.50
C LEU B 536 12.93 2.60 -6.99
N LEU B 537 13.69 3.53 -6.43
CA LEU B 537 13.13 4.72 -5.74
C LEU B 537 12.63 5.73 -6.76
N GLN B 538 13.09 5.63 -8.00
CA GLN B 538 12.56 6.51 -9.05
C GLN B 538 11.13 6.12 -9.39
N MET B 539 10.77 4.86 -9.22
CA MET B 539 9.37 4.41 -9.37
C MET B 539 8.61 4.75 -8.10
N LEU B 540 9.16 4.40 -6.96
CA LEU B 540 8.35 4.31 -5.74
C LEU B 540 7.93 5.72 -5.38
N SER B 541 8.81 6.66 -5.67
CA SER B 541 8.58 8.11 -5.53
C SER B 541 7.27 8.52 -6.18
N LEU B 542 6.98 8.01 -7.37
CA LEU B 542 5.90 8.56 -8.20
C LEU B 542 4.55 8.25 -7.55
N GLY B 543 4.35 7.04 -7.06
CA GLY B 543 3.02 6.62 -6.62
C GLY B 543 2.06 6.47 -7.78
N LYS B 544 0.80 6.86 -7.59
CA LYS B 544 -0.18 7.03 -8.69
C LYS B 544 -0.18 8.45 -9.27
N SER B 545 1.01 9.01 -9.49
CA SER B 545 1.17 10.40 -9.94
C SER B 545 1.30 10.46 -11.44
N GLU B 546 1.95 9.45 -12.01
CA GLU B 546 2.21 9.35 -13.44
C GLU B 546 1.55 8.05 -13.88
N PRO B 547 1.30 7.86 -15.18
CA PRO B 547 0.88 6.56 -15.67
C PRO B 547 1.73 5.37 -15.21
N TRP B 548 1.10 4.21 -15.04
CA TRP B 548 1.73 2.98 -14.48
C TRP B 548 2.68 2.38 -15.49
N THR B 549 2.44 2.74 -16.73
CA THR B 549 3.28 2.47 -17.91
C THR B 549 4.65 3.09 -17.71
N LEU B 550 4.69 4.29 -17.12
CA LEU B 550 5.91 5.14 -16.99
C LEU B 550 6.65 4.74 -15.74
N ALA B 551 5.89 4.33 -14.74
CA ALA B 551 6.46 3.78 -13.51
C ALA B 551 7.20 2.49 -13.78
N LEU B 552 6.63 1.61 -14.57
CA LEU B 552 7.31 0.38 -15.01
C LEU B 552 8.56 0.78 -15.76
N GLU B 553 8.45 1.66 -16.75
CA GLU B 553 9.55 2.00 -17.68
C GLU B 553 10.72 2.57 -16.91
N ARG B 554 10.44 3.17 -15.78
CA ARG B 554 11.50 3.78 -14.96
C ARG B 554 12.27 2.72 -14.17
N ILE B 555 11.62 1.64 -13.73
CA ILE B 555 12.42 0.48 -13.24
C ILE B 555 12.93 -0.31 -14.43
N VAL B 556 12.04 -0.73 -15.33
CA VAL B 556 12.24 -1.94 -16.18
C VAL B 556 12.56 -1.58 -17.64
N GLY B 557 12.22 -0.38 -18.10
CA GLY B 557 12.68 0.08 -19.42
C GLY B 557 11.63 -0.11 -20.48
N VAL B 558 10.52 -0.69 -20.06
CA VAL B 558 9.41 -1.19 -20.92
C VAL B 558 8.09 -0.75 -20.29
N LYS B 559 7.11 -0.43 -21.13
CA LYS B 559 5.81 0.15 -20.73
C LYS B 559 4.75 -0.92 -20.46
N ASN B 560 5.04 -2.20 -20.67
CA ASN B 560 4.01 -3.25 -20.47
C ASN B 560 4.62 -4.45 -19.78
N MET B 561 3.75 -5.34 -19.30
CA MET B 561 4.05 -6.74 -18.97
C MET B 561 4.88 -7.43 -20.04
N ASP B 562 5.91 -8.16 -19.59
CA ASP B 562 6.75 -9.13 -20.33
C ASP B 562 7.00 -10.31 -19.40
N VAL B 563 6.77 -11.52 -19.90
CA VAL B 563 6.87 -12.75 -19.07
C VAL B 563 8.26 -13.35 -19.23
N ARG B 564 9.07 -12.78 -20.10
CA ARG B 564 10.44 -13.25 -20.33
C ARG B 564 11.21 -13.27 -19.01
N PRO B 565 11.21 -12.23 -18.16
CA PRO B 565 11.66 -12.35 -16.79
C PRO B 565 11.23 -13.56 -15.93
N LEU B 566 9.94 -13.75 -15.74
CA LEU B 566 9.37 -14.90 -15.00
C LEU B 566 9.95 -16.20 -15.56
N LEU B 567 10.03 -16.30 -16.87
CA LEU B 567 10.36 -17.57 -17.51
C LEU B 567 11.84 -17.89 -17.27
N ASN B 568 12.66 -16.87 -17.07
CA ASN B 568 14.13 -16.98 -16.95
C ASN B 568 14.46 -17.35 -15.51
N TYR B 569 13.57 -17.02 -14.60
CA TYR B 569 13.74 -17.37 -13.18
C TYR B 569 13.60 -18.87 -13.08
N PHE B 570 12.75 -19.39 -13.94
CA PHE B 570 12.17 -20.74 -13.82
C PHE B 570 12.76 -21.64 -14.89
N GLU B 571 13.56 -21.08 -15.79
CA GLU B 571 14.19 -21.81 -16.92
C GLU B 571 15.04 -22.97 -16.43
N PRO B 572 15.89 -22.83 -15.39
CA PRO B 572 16.29 -23.98 -14.62
C PRO B 572 15.30 -25.14 -14.47
N LEU B 573 14.06 -24.88 -14.06
CA LEU B 573 13.11 -25.98 -13.79
C LEU B 573 12.49 -26.46 -15.10
N PHE B 574 12.27 -25.55 -16.01
CA PHE B 574 11.67 -25.90 -17.30
C PHE B 574 12.45 -27.06 -17.90
N THR B 575 13.77 -26.94 -17.92
CA THR B 575 14.68 -27.90 -18.58
C THR B 575 14.57 -29.24 -17.84
N TRP B 576 14.61 -29.18 -16.53
CA TRP B 576 14.49 -30.38 -15.69
C TRP B 576 13.15 -31.05 -15.92
N LEU B 577 12.09 -30.27 -16.03
CA LEU B 577 10.69 -30.75 -16.13
C LEU B 577 10.49 -31.43 -17.46
N LYS B 578 11.07 -30.88 -18.51
CA LYS B 578 10.89 -31.39 -19.87
C LYS B 578 11.54 -32.77 -20.01
N ASP B 579 12.70 -32.97 -19.42
CA ASP B 579 13.42 -34.27 -19.45
C ASP B 579 12.75 -35.22 -18.49
N GLN B 580 11.99 -34.69 -17.56
CA GLN B 580 11.40 -35.59 -16.57
C GLN B 580 10.02 -35.94 -17.06
N ASN B 581 9.64 -35.35 -18.18
CA ASN B 581 8.29 -35.51 -18.77
C ASN B 581 8.43 -35.93 -20.23
N LYS B 582 9.51 -36.64 -20.54
CA LYS B 582 9.86 -36.96 -21.94
C LYS B 582 9.23 -38.30 -22.27
N ASN B 583 8.99 -39.08 -21.23
CA ASN B 583 8.40 -40.43 -21.35
C ASN B 583 7.00 -40.32 -20.76
N SER B 584 6.47 -39.11 -20.78
CA SER B 584 5.14 -38.72 -20.27
C SER B 584 4.42 -37.89 -21.33
N PHE B 585 3.10 -37.77 -21.20
CA PHE B 585 2.34 -36.84 -22.05
C PHE B 585 2.33 -35.46 -21.39
N VAL B 586 2.51 -34.44 -22.20
CA VAL B 586 2.50 -33.05 -21.72
C VAL B 586 1.28 -32.36 -22.32
N GLY B 587 0.37 -32.00 -21.44
CA GLY B 587 -0.93 -31.46 -21.83
C GLY B 587 -2.04 -32.32 -21.29
N TRP B 588 -3.26 -31.96 -21.68
CA TRP B 588 -4.45 -32.61 -21.11
C TRP B 588 -5.49 -32.83 -22.20
N SER B 589 -6.39 -33.75 -21.91
CA SER B 589 -7.67 -33.92 -22.63
C SER B 589 -8.80 -33.37 -21.78
N THR B 590 -9.70 -32.69 -22.47
CA THR B 590 -10.85 -31.92 -21.93
C THR B 590 -12.02 -32.86 -21.66
N ASN B 591 -11.87 -34.13 -21.98
CA ASN B 591 -12.96 -35.12 -22.09
C ASN B 591 -13.01 -35.98 -20.84
N TRP B 592 -11.89 -36.57 -20.45
CA TRP B 592 -11.89 -37.40 -19.23
C TRP B 592 -12.39 -36.61 -18.02
N SER B 593 -13.00 -37.35 -17.10
CA SER B 593 -13.69 -36.91 -15.88
C SER B 593 -13.59 -38.05 -14.90
N PRO B 594 -13.41 -37.81 -13.60
CA PRO B 594 -13.25 -38.90 -12.67
C PRO B 594 -14.50 -39.78 -12.46
N TYR B 595 -15.65 -39.36 -12.99
CA TYR B 595 -16.98 -39.86 -12.54
C TYR B 595 -17.64 -40.68 -13.64
N ALA B 596 -17.29 -40.37 -14.89
CA ALA B 596 -17.88 -41.06 -16.06
C ALA B 596 -16.84 -42.01 -16.66
C1 NAG C . 15.65 28.58 29.22
C2 NAG C . 16.73 29.62 28.93
C3 NAG C . 18.13 28.98 28.95
C4 NAG C . 18.33 28.14 30.21
C5 NAG C . 17.16 27.18 30.36
C6 NAG C . 17.32 26.30 31.58
C7 NAG C . 16.54 31.58 27.45
C8 NAG C . 16.12 32.07 26.10
N2 NAG C . 16.50 30.25 27.63
O3 NAG C . 19.11 30.02 28.84
O4 NAG C . 19.48 27.30 30.11
O5 NAG C . 15.94 27.92 30.45
O6 NAG C . 16.64 26.93 32.66
O7 NAG C . 16.88 32.36 28.34
C1 NAG D . 0.54 21.00 -12.01
C2 NAG D . 1.74 21.73 -12.60
C3 NAG D . 2.90 21.61 -11.62
C4 NAG D . 2.49 22.16 -10.27
C5 NAG D . 1.27 21.41 -9.77
C6 NAG D . 0.75 21.93 -8.45
C7 NAG D . 2.26 19.97 -14.29
C8 NAG D . 1.85 19.72 -15.72
N2 NAG D . 2.16 21.24 -13.90
O3 NAG D . 4.06 22.29 -12.12
O4 NAG D . 3.60 22.04 -9.37
O5 NAG D . 0.24 21.54 -10.74
O6 NAG D . 1.64 21.60 -7.38
O7 NAG D . 2.66 19.04 -13.60
C1 NAG E . -7.22 -1.08 25.67
C2 NAG E . -6.22 -0.03 26.16
C3 NAG E . -6.67 0.49 27.50
C4 NAG E . -8.03 1.10 27.30
C5 NAG E . -8.93 -0.01 26.77
C6 NAG E . -10.34 0.42 26.53
C7 NAG E . -3.90 -0.31 25.54
C8 NAG E . -2.53 -0.57 26.06
N2 NAG E . -4.91 -0.60 26.34
O3 NAG E . -5.77 1.51 27.95
O4 NAG E . -8.51 1.65 28.53
O5 NAG E . -8.47 -0.48 25.53
O6 NAG E . -10.97 -0.68 25.87
O7 NAG E . -4.09 0.16 24.44
C1 NAG F . 27.95 -5.42 1.96
C2 NAG F . 27.80 -6.90 2.26
C3 NAG F . 28.28 -7.21 3.66
C4 NAG F . 29.71 -6.75 3.80
C5 NAG F . 29.80 -5.27 3.46
C6 NAG F . 31.25 -4.81 3.50
C7 NAG F . 26.04 -8.05 1.08
C8 NAG F . 24.94 -9.00 1.39
N2 NAG F . 26.41 -7.28 2.11
O3 NAG F . 28.24 -8.62 3.89
O4 NAG F . 30.16 -6.96 5.14
O5 NAG F . 29.30 -5.04 2.15
O6 NAG F . 31.95 -5.31 2.37
O7 NAG F . 26.56 -7.98 -0.01
C1 NAG G . 20.60 6.56 9.17
C2 NAG G . 21.43 5.93 10.25
C3 NAG G . 22.57 6.87 10.57
C4 NAG G . 23.37 7.10 9.31
C5 NAG G . 22.43 7.69 8.28
C6 NAG G . 23.17 8.17 7.02
C7 NAG G . 20.66 4.97 12.36
C8 NAG G . 20.56 3.55 11.89
N2 NAG G . 20.58 5.89 11.41
O3 NAG G . 23.45 6.32 11.55
O4 NAG G . 24.50 7.95 9.56
O5 NAG G . 21.35 6.77 7.99
O6 NAG G . 24.06 7.16 6.58
O7 NAG G . 20.77 5.26 13.54
#